data_7OW5
#
_entry.id   7OW5
#
_cell.length_a   145.552
_cell.length_b   145.552
_cell.length_c   120.599
_cell.angle_alpha   90.00
_cell.angle_beta   90.00
_cell.angle_gamma   90.00
#
_symmetry.space_group_name_H-M   'P 41 2 2'
#
loop_
_entity.id
_entity.type
_entity.pdbx_description
1 polymer 'MHC class I antigen'
2 polymer Beta-2-microglobulin
3 polymer 'KRAS peptide (VVVGAGGVGK)'
4 polymer 'TCR alpha'
5 polymer 'TCR beta'
6 non-polymer 'SULFATE ION'
7 water water
#
loop_
_entity_poly.entity_id
_entity_poly.type
_entity_poly.pdbx_seq_one_letter_code
_entity_poly.pdbx_strand_id
1 'polypeptide(L)'
;GSHSMRYFYTSVSRPGRGEPRFIAVGYVDDTQFVRFDSDAASQRMEPRAPWIEQEGPEYWDQETRNVKAQSQTDRVDLGT
LRGYYNQSEDGSHTIQIMYGCDVGPDGRFLRGYRQDAYDGKDYIALNEDLRSWTAADMAAQITKRKWEAAHAAEQQRAYL
EGRCVEWLRRYLENGKETLQRTDPPKTHMTHHPISDHEATLRCWALGFYPAEITLTWQRDGEDQTQDTELVETRPAGDGT
FQKWAAVVVPSGEEQRYTCHVQHEGLPKPLTLRWEP
;
A
2 'polypeptide(L)'
;MIQRTPKIQVYSRHPAENGKSNFLNCYVSGFHPSDIEVDLLKNGERIEKVEHSDLSFSKDWSFYLLYYTEFTPTEKDEYA
CRVNHVTLSQPKIVKWDRDM
;
B
3 'polypeptide(L)' VVVGAGGVGK C
4 'polypeptide(L)'
;AQKVTQAQTEISVVEKEDVTLDCVYETRDTAYYLFWYKQPPSGELVFLIRQPWWGEQNEISGRYSWNFQKSTSSFNFTIT
ASQVVDSAVYFCAMSVPSGDGSYQFTFGKGTKLSVIPNIQNPDPAVYQLRDSKSSDKSVCLFTDFDSQTNVSQSKDSDVY
ITDKCVLDMRSMDFKSNSAVAWSNKSDFACANAFNNSIIPEDT
;
D
5 'polypeptide(L)'
;MNAGVTQTPKFRVLKTGQSMTLLCAQDMNHEYMYWYRQDPGMGLRLIHYSVGEGTTAKGEVPDGYNVSRLKKQNFLLGLE
SAAPSQTSVYFCASKVGPGQHNSPLHFGNGTRLTVTEDLNKVFPPEVAVFEPSEAEISHTQKATLVCLATGFYPDHVELS
WWVNGKEVHSGVCTDPQPLKEQPALNDSRYALSSRLRVSATFWQDPRNHFRCQVQFYGLSENDEWTQDRAKPVTQIVSAE
AWGRAD
;
E
#
# COMPACT_ATOMS: atom_id res chain seq x y z
N SER A 2 -8.29 -13.29 -33.53
CA SER A 2 -8.98 -12.34 -32.53
C SER A 2 -9.35 -13.05 -31.20
N HIS A 3 -8.84 -12.56 -30.05
CA HIS A 3 -8.84 -13.27 -28.74
C HIS A 3 -8.92 -12.29 -27.55
N SER A 4 -9.12 -12.82 -26.35
CA SER A 4 -9.45 -12.09 -25.10
C SER A 4 -8.78 -12.72 -23.87
N MET A 5 -8.50 -11.90 -22.86
CA MET A 5 -8.22 -12.38 -21.49
C MET A 5 -9.31 -11.87 -20.55
N ARG A 6 -9.75 -12.66 -19.57
CA ARG A 6 -10.71 -12.12 -18.57
C ARG A 6 -10.48 -12.74 -17.20
N TYR A 7 -10.44 -11.91 -16.18
CA TYR A 7 -10.50 -12.32 -14.76
C TYR A 7 -11.92 -12.10 -14.22
N PHE A 8 -12.31 -12.96 -13.29
CA PHE A 8 -13.62 -13.05 -12.63
C PHE A 8 -13.35 -13.26 -11.13
N TYR A 9 -13.51 -12.16 -10.40
CA TYR A 9 -13.38 -12.21 -8.93
C TYR A 9 -14.79 -12.27 -8.36
N THR A 10 -14.98 -13.05 -7.30
CA THR A 10 -16.28 -13.21 -6.58
C THR A 10 -16.00 -13.27 -5.09
N SER A 11 -16.60 -12.40 -4.28
CA SER A 11 -16.35 -12.28 -2.81
C SER A 11 -17.70 -12.29 -2.08
N VAL A 12 -17.90 -13.24 -1.16
CA VAL A 12 -19.18 -13.47 -0.42
C VAL A 12 -18.96 -13.28 1.09
N SER A 13 -19.89 -12.59 1.76
CA SER A 13 -19.87 -12.40 3.23
C SER A 13 -20.60 -13.59 3.83
N ARG A 14 -20.10 -14.10 4.95
CA ARG A 14 -20.74 -15.20 5.70
C ARG A 14 -20.72 -14.76 7.16
N PRO A 15 -21.56 -13.79 7.56
CA PRO A 15 -21.37 -13.11 8.85
C PRO A 15 -21.47 -14.11 10.00
N GLY A 16 -20.42 -14.22 10.81
CA GLY A 16 -20.30 -15.24 11.89
C GLY A 16 -19.43 -16.45 11.50
N ARG A 17 -19.79 -17.16 10.42
CA ARG A 17 -19.00 -18.29 9.80
C ARG A 17 -17.55 -17.85 9.49
N GLY A 18 -17.26 -16.55 9.35
CA GLY A 18 -15.88 -16.02 9.43
C GLY A 18 -15.66 -14.80 8.55
N GLU A 19 -14.49 -14.72 7.91
CA GLU A 19 -14.13 -13.71 6.87
C GLU A 19 -14.68 -14.12 5.50
N PRO A 20 -14.96 -13.16 4.61
CA PRO A 20 -15.49 -13.46 3.28
C PRO A 20 -14.72 -14.52 2.48
N ARG A 21 -15.43 -15.35 1.73
CA ARG A 21 -14.85 -16.24 0.68
C ARG A 21 -14.63 -15.46 -0.63
N PHE A 22 -13.37 -15.08 -0.91
CA PHE A 22 -12.92 -14.60 -2.25
C PHE A 22 -12.44 -15.77 -3.13
N ILE A 23 -12.85 -15.76 -4.40
CA ILE A 23 -12.53 -16.75 -5.47
C ILE A 23 -12.23 -15.99 -6.76
N ALA A 24 -11.00 -16.08 -7.27
CA ALA A 24 -10.62 -15.46 -8.55
C ALA A 24 -10.32 -16.59 -9.54
N VAL A 25 -10.73 -16.41 -10.79
CA VAL A 25 -10.41 -17.34 -11.90
C VAL A 25 -10.00 -16.44 -13.05
N GLY A 26 -9.15 -16.93 -13.95
CA GLY A 26 -8.74 -16.20 -15.15
C GLY A 26 -8.88 -17.06 -16.40
N TYR A 27 -9.23 -16.43 -17.53
CA TYR A 27 -9.49 -17.10 -18.82
C TYR A 27 -8.71 -16.41 -19.94
N VAL A 28 -8.32 -17.21 -20.91
CA VAL A 28 -7.90 -16.74 -22.25
C VAL A 28 -8.88 -17.40 -23.21
N ASP A 29 -9.59 -16.62 -24.02
CA ASP A 29 -10.75 -17.14 -24.80
C ASP A 29 -11.59 -18.00 -23.85
N ASP A 30 -12.01 -19.20 -24.25
CA ASP A 30 -12.93 -20.04 -23.44
C ASP A 30 -12.18 -21.03 -22.55
N THR A 31 -10.91 -20.76 -22.22
CA THR A 31 -10.04 -21.73 -21.52
C THR A 31 -9.51 -21.14 -20.20
N GLN A 32 -9.90 -21.71 -19.06
CA GLN A 32 -9.38 -21.32 -17.73
C GLN A 32 -7.89 -21.64 -17.60
N PHE A 33 -7.14 -20.79 -16.91
CA PHE A 33 -5.68 -20.96 -16.73
C PHE A 33 -5.19 -20.64 -15.32
N VAL A 34 -5.91 -19.84 -14.52
CA VAL A 34 -5.54 -19.65 -13.09
C VAL A 34 -6.78 -19.67 -12.20
N ARG A 35 -6.54 -19.77 -10.89
CA ARG A 35 -7.56 -19.66 -9.82
C ARG A 35 -6.89 -19.34 -8.50
N PHE A 36 -7.64 -18.67 -7.61
CA PHE A 36 -7.32 -18.47 -6.19
C PHE A 36 -8.59 -18.64 -5.35
N ASP A 37 -8.51 -19.46 -4.29
CA ASP A 37 -9.62 -19.66 -3.34
C ASP A 37 -9.12 -19.38 -1.93
N SER A 38 -9.76 -18.41 -1.26
CA SER A 38 -9.40 -17.91 0.09
C SER A 38 -9.43 -19.06 1.11
N ASP A 39 -10.33 -20.04 0.95
CA ASP A 39 -10.54 -21.14 1.93
C ASP A 39 -9.60 -22.34 1.70
N ALA A 40 -8.90 -22.39 0.57
CA ALA A 40 -7.96 -23.48 0.18
C ALA A 40 -6.73 -23.51 1.11
N ALA A 41 -6.22 -24.72 1.35
CA ALA A 41 -5.00 -25.00 2.14
C ALA A 41 -3.86 -24.18 1.53
N SER A 42 -3.79 -24.26 0.22
CA SER A 42 -2.70 -23.74 -0.65
C SER A 42 -2.31 -22.29 -0.34
N GLN A 43 -3.26 -21.35 -0.36
CA GLN A 43 -3.01 -19.90 -0.13
C GLN A 43 -2.16 -19.30 -1.26
N ARG A 44 -2.28 -19.83 -2.49
CA ARG A 44 -1.50 -19.44 -3.71
C ARG A 44 -2.43 -19.30 -4.93
N MET A 45 -2.11 -18.39 -5.86
CA MET A 45 -2.68 -18.43 -7.23
C MET A 45 -2.18 -19.73 -7.85
N GLU A 46 -3.06 -20.53 -8.47
CA GLU A 46 -2.73 -21.91 -8.91
C GLU A 46 -2.89 -22.07 -10.41
N PRO A 47 -2.05 -22.92 -11.06
CA PRO A 47 -2.22 -23.26 -12.47
C PRO A 47 -3.48 -24.11 -12.70
N ARG A 48 -4.09 -24.02 -13.89
CA ARG A 48 -5.33 -24.75 -14.35
C ARG A 48 -5.33 -24.97 -15.87
N ALA A 49 -4.24 -24.63 -16.57
CA ALA A 49 -3.87 -25.16 -17.91
C ALA A 49 -2.42 -25.57 -17.91
N PRO A 50 -2.03 -26.55 -18.76
CA PRO A 50 -0.63 -26.94 -18.95
C PRO A 50 0.38 -25.81 -19.21
N TRP A 51 -0.05 -24.83 -20.03
CA TRP A 51 0.83 -23.85 -20.73
C TRP A 51 1.20 -22.68 -19.80
N ILE A 52 0.61 -22.64 -18.60
CA ILE A 52 0.91 -21.60 -17.58
C ILE A 52 1.82 -22.21 -16.52
N GLU A 53 1.78 -23.54 -16.33
CA GLU A 53 2.58 -24.28 -15.30
C GLU A 53 4.04 -23.82 -15.39
N GLN A 54 4.47 -23.56 -16.63
CA GLN A 54 5.86 -23.19 -17.02
C GLN A 54 6.29 -21.80 -16.52
N GLU A 55 5.37 -20.94 -16.06
CA GLU A 55 5.79 -19.63 -15.51
C GLU A 55 6.59 -19.92 -14.24
N GLY A 56 7.55 -19.07 -13.94
CA GLY A 56 8.48 -19.28 -12.84
C GLY A 56 7.90 -18.76 -11.52
N PRO A 57 8.58 -19.08 -10.41
CA PRO A 57 8.17 -18.68 -9.05
C PRO A 57 7.90 -17.18 -8.82
N GLU A 58 8.64 -16.29 -9.50
CA GLU A 58 8.45 -14.82 -9.42
C GLU A 58 7.03 -14.47 -9.89
N TYR A 59 6.57 -15.07 -10.99
CA TYR A 59 5.21 -14.88 -11.56
C TYR A 59 4.19 -15.25 -10.47
N TRP A 60 4.23 -16.49 -9.99
CA TRP A 60 3.25 -17.06 -9.02
C TRP A 60 3.21 -16.22 -7.74
N ASP A 61 4.34 -15.69 -7.30
CA ASP A 61 4.45 -14.88 -6.05
C ASP A 61 3.72 -13.55 -6.26
N GLN A 62 4.16 -12.79 -7.26
CA GLN A 62 3.46 -11.57 -7.75
C GLN A 62 1.95 -11.82 -7.83
N GLU A 63 1.54 -12.81 -8.61
CA GLU A 63 0.11 -13.04 -8.86
C GLU A 63 -0.56 -13.32 -7.51
N THR A 64 0.04 -14.19 -6.69
CA THR A 64 -0.49 -14.49 -5.32
C THR A 64 -0.68 -13.18 -4.53
N ARG A 65 0.34 -12.34 -4.37
CA ARG A 65 0.27 -11.14 -3.49
C ARG A 65 -0.74 -10.12 -4.04
N ASN A 66 -0.65 -9.77 -5.32
CA ASN A 66 -1.58 -8.82 -5.98
C ASN A 66 -3.02 -9.27 -5.69
N VAL A 67 -3.29 -10.56 -5.82
CA VAL A 67 -4.67 -11.09 -5.69
C VAL A 67 -5.07 -11.13 -4.20
N LYS A 68 -4.13 -11.36 -3.29
CA LYS A 68 -4.47 -11.34 -1.84
C LYS A 68 -4.88 -9.90 -1.53
N ALA A 69 -4.05 -8.96 -1.97
CA ALA A 69 -4.25 -7.51 -1.79
C ALA A 69 -5.68 -7.20 -2.25
N GLN A 70 -6.08 -7.72 -3.41
CA GLN A 70 -7.45 -7.47 -3.96
C GLN A 70 -8.49 -8.07 -3.01
N SER A 71 -8.34 -9.32 -2.60
CA SER A 71 -9.32 -10.00 -1.71
C SER A 71 -9.53 -9.13 -0.46
N GLN A 72 -8.47 -8.48 0.00
CA GLN A 72 -8.50 -7.69 1.24
C GLN A 72 -9.35 -6.43 0.97
N THR A 73 -9.18 -5.78 -0.17
CA THR A 73 -9.94 -4.55 -0.49
C THR A 73 -11.43 -4.93 -0.53
N ASP A 74 -11.73 -5.96 -1.32
CA ASP A 74 -13.06 -6.57 -1.54
C ASP A 74 -13.70 -6.83 -0.17
N ARG A 75 -12.92 -7.32 0.79
CA ARG A 75 -13.43 -7.68 2.14
C ARG A 75 -13.90 -6.38 2.77
N VAL A 76 -13.07 -5.35 2.79
CA VAL A 76 -13.44 -4.03 3.34
C VAL A 76 -14.67 -3.51 2.57
N ASP A 77 -14.63 -3.56 1.24
CA ASP A 77 -15.71 -3.04 0.35
C ASP A 77 -17.06 -3.64 0.74
N LEU A 78 -17.11 -4.91 1.12
CA LEU A 78 -18.37 -5.52 1.60
C LEU A 78 -18.97 -4.71 2.76
N GLY A 79 -18.16 -4.24 3.70
CA GLY A 79 -18.65 -3.48 4.88
C GLY A 79 -18.97 -2.02 4.55
N THR A 80 -18.27 -1.45 3.57
CA THR A 80 -18.47 -0.06 3.11
C THR A 80 -19.82 0.01 2.40
N LEU A 81 -20.14 -1.01 1.58
CA LEU A 81 -21.42 -1.09 0.83
C LEU A 81 -22.55 -1.51 1.78
N ARG A 82 -22.27 -2.35 2.77
CA ARG A 82 -23.33 -2.69 3.76
C ARG A 82 -23.74 -1.36 4.40
N GLY A 83 -22.77 -0.48 4.65
CA GLY A 83 -22.97 0.86 5.24
C GLY A 83 -23.70 1.83 4.31
N TYR A 84 -23.46 1.76 2.99
CA TYR A 84 -24.10 2.65 1.99
C TYR A 84 -25.60 2.32 1.92
N TYR A 85 -25.94 1.03 1.87
CA TYR A 85 -27.34 0.53 1.80
C TYR A 85 -27.97 0.36 3.21
N ASN A 86 -27.22 0.60 4.29
CA ASN A 86 -27.75 0.46 5.66
C ASN A 86 -28.42 -0.92 5.80
N GLN A 87 -27.69 -1.97 5.41
CA GLN A 87 -28.20 -3.35 5.57
C GLN A 87 -27.60 -3.90 6.85
N SER A 88 -28.31 -4.82 7.51
CA SER A 88 -27.83 -5.41 8.79
C SER A 88 -26.69 -6.39 8.50
N GLU A 89 -25.85 -6.64 9.50
CA GLU A 89 -24.67 -7.54 9.34
C GLU A 89 -25.10 -8.99 9.64
N ASP A 90 -26.36 -9.35 9.32
CA ASP A 90 -26.90 -10.74 9.34
C ASP A 90 -26.71 -11.42 7.97
N GLY A 91 -26.82 -10.65 6.89
CA GLY A 91 -27.08 -11.16 5.53
C GLY A 91 -25.80 -11.37 4.75
N SER A 92 -25.76 -12.44 3.96
CA SER A 92 -24.66 -12.74 3.01
C SER A 92 -24.86 -11.83 1.80
N HIS A 93 -23.85 -11.05 1.42
CA HIS A 93 -23.94 -10.18 0.21
C HIS A 93 -22.84 -10.56 -0.78
N THR A 94 -22.85 -9.99 -2.00
CA THR A 94 -21.86 -10.50 -2.99
C THR A 94 -21.29 -9.52 -4.03
N ILE A 95 -20.15 -8.88 -3.75
CA ILE A 95 -19.34 -8.17 -4.78
C ILE A 95 -18.79 -9.18 -5.80
N GLN A 96 -18.94 -8.87 -7.09
CA GLN A 96 -18.37 -9.63 -8.24
C GLN A 96 -17.73 -8.63 -9.19
N ILE A 97 -16.48 -8.89 -9.58
CA ILE A 97 -15.71 -8.04 -10.52
C ILE A 97 -15.29 -8.90 -11.69
N MET A 98 -15.59 -8.43 -12.89
CA MET A 98 -15.06 -8.99 -14.16
C MET A 98 -14.29 -7.86 -14.80
N TYR A 99 -13.08 -8.10 -15.27
CA TYR A 99 -12.35 -7.18 -16.15
C TYR A 99 -11.55 -8.02 -17.13
N GLY A 100 -10.85 -7.37 -18.04
CA GLY A 100 -9.95 -8.04 -19.00
C GLY A 100 -9.84 -7.23 -20.28
N CYS A 101 -9.15 -7.75 -21.30
CA CYS A 101 -8.95 -7.04 -22.58
C CYS A 101 -9.23 -7.95 -23.78
N ASP A 102 -9.09 -7.39 -24.98
CA ASP A 102 -9.50 -7.96 -26.29
C ASP A 102 -8.46 -7.44 -27.29
N VAL A 103 -7.80 -8.36 -28.01
CA VAL A 103 -6.86 -8.03 -29.11
C VAL A 103 -7.44 -8.56 -30.42
N GLY A 104 -7.19 -7.83 -31.51
CA GLY A 104 -7.51 -8.25 -32.90
C GLY A 104 -6.49 -9.26 -33.42
N PRO A 105 -6.68 -9.81 -34.64
CA PRO A 105 -5.82 -10.89 -35.17
C PRO A 105 -4.38 -10.39 -35.39
N ASP A 106 -4.24 -9.08 -35.66
CA ASP A 106 -2.99 -8.28 -35.77
C ASP A 106 -2.29 -8.16 -34.40
N GLY A 107 -2.99 -8.50 -33.30
CA GLY A 107 -2.46 -8.61 -31.93
C GLY A 107 -2.54 -7.33 -31.13
N ARG A 108 -3.13 -6.27 -31.70
CA ARG A 108 -3.23 -4.93 -31.08
C ARG A 108 -4.49 -4.80 -30.22
N PHE A 109 -4.46 -3.86 -29.29
CA PHE A 109 -5.58 -3.56 -28.37
C PHE A 109 -6.82 -3.31 -29.22
N LEU A 110 -7.95 -3.90 -28.86
CA LEU A 110 -9.32 -3.54 -29.36
C LEU A 110 -10.17 -2.88 -28.24
N ARG A 111 -10.53 -3.58 -27.16
CA ARG A 111 -11.31 -3.02 -26.03
C ARG A 111 -10.76 -3.52 -24.70
N GLY A 112 -11.08 -2.76 -23.66
CA GLY A 112 -10.93 -3.14 -22.25
C GLY A 112 -12.28 -3.06 -21.56
N TYR A 113 -12.34 -3.65 -20.37
CA TYR A 113 -13.55 -3.89 -19.57
C TYR A 113 -13.16 -3.91 -18.10
N ARG A 114 -14.01 -3.35 -17.24
CA ARG A 114 -13.95 -3.49 -15.75
C ARG A 114 -15.35 -3.21 -15.25
N GLN A 115 -16.02 -4.17 -14.64
CA GLN A 115 -17.44 -4.02 -14.26
C GLN A 115 -17.62 -4.68 -12.91
N ASP A 116 -18.17 -3.95 -11.96
CA ASP A 116 -18.41 -4.47 -10.60
C ASP A 116 -19.91 -4.47 -10.37
N ALA A 117 -20.34 -5.35 -9.46
CA ALA A 117 -21.77 -5.52 -9.18
C ALA A 117 -21.95 -5.82 -7.71
N TYR A 118 -23.16 -5.69 -7.20
CA TYR A 118 -23.44 -6.02 -5.79
C TYR A 118 -24.76 -6.81 -5.74
N ASP A 119 -24.76 -7.92 -5.02
CA ASP A 119 -25.97 -8.76 -4.89
C ASP A 119 -26.50 -9.10 -6.29
N GLY A 120 -25.63 -9.13 -7.30
CA GLY A 120 -26.05 -9.61 -8.63
C GLY A 120 -26.54 -8.54 -9.56
N LYS A 121 -26.19 -7.29 -9.32
CA LYS A 121 -26.73 -6.19 -10.16
C LYS A 121 -25.63 -5.17 -10.41
N ASP A 122 -25.60 -4.59 -11.62
CA ASP A 122 -24.62 -3.52 -11.88
C ASP A 122 -24.52 -2.66 -10.62
N TYR A 123 -23.28 -2.44 -10.20
CA TYR A 123 -22.89 -1.41 -9.22
C TYR A 123 -22.18 -0.30 -9.98
N ILE A 124 -21.00 -0.55 -10.52
CA ILE A 124 -20.23 0.51 -11.24
C ILE A 124 -19.46 -0.12 -12.39
N ALA A 125 -19.42 0.54 -13.54
CA ALA A 125 -18.66 0.08 -14.72
C ALA A 125 -17.75 1.18 -15.25
N LEU A 126 -16.66 0.77 -15.90
CA LEU A 126 -15.78 1.75 -16.57
C LEU A 126 -16.27 1.79 -18.01
N ASN A 127 -16.32 2.96 -18.62
CA ASN A 127 -16.89 3.06 -19.98
C ASN A 127 -15.79 2.72 -20.99
N GLU A 128 -16.18 2.48 -22.23
CA GLU A 128 -15.20 2.11 -23.29
C GLU A 128 -14.09 3.17 -23.34
N ASP A 129 -14.40 4.40 -22.92
CA ASP A 129 -13.38 5.49 -22.93
C ASP A 129 -12.28 5.16 -21.93
N LEU A 130 -12.48 4.11 -21.14
CA LEU A 130 -11.48 3.75 -20.10
C LEU A 130 -11.03 5.02 -19.39
N ARG A 131 -11.93 6.00 -19.28
CA ARG A 131 -11.54 7.30 -18.69
C ARG A 131 -12.63 7.80 -17.74
N SER A 132 -13.77 7.11 -17.69
CA SER A 132 -14.98 7.54 -16.95
C SER A 132 -15.78 6.33 -16.47
N TRP A 133 -16.59 6.48 -15.42
CA TRP A 133 -17.35 5.38 -14.78
C TRP A 133 -18.86 5.60 -14.91
N THR A 134 -19.66 4.57 -14.73
CA THR A 134 -21.14 4.60 -14.76
C THR A 134 -21.62 3.94 -13.48
N ALA A 135 -22.18 4.76 -12.57
CA ALA A 135 -22.83 4.32 -11.34
C ALA A 135 -24.25 3.90 -11.72
N ALA A 136 -24.80 2.90 -11.04
CA ALA A 136 -26.11 2.27 -11.35
C ALA A 136 -27.10 2.77 -10.33
N ASP A 137 -26.61 3.14 -9.16
CA ASP A 137 -27.43 3.65 -8.04
C ASP A 137 -26.58 4.62 -7.21
N MET A 138 -27.14 5.13 -6.11
CA MET A 138 -26.54 6.23 -5.33
C MET A 138 -25.30 5.71 -4.59
N ALA A 139 -25.36 4.51 -4.05
CA ALA A 139 -24.19 3.89 -3.39
C ALA A 139 -23.00 4.04 -4.34
N ALA A 140 -23.14 3.56 -5.57
CA ALA A 140 -22.11 3.59 -6.64
C ALA A 140 -21.65 5.01 -6.94
N GLN A 141 -22.55 6.01 -6.83
CA GLN A 141 -22.26 7.44 -7.12
C GLN A 141 -21.23 8.02 -6.15
N ILE A 142 -21.21 7.49 -4.93
CA ILE A 142 -20.19 7.79 -3.87
C ILE A 142 -18.87 7.14 -4.29
N THR A 143 -18.87 5.82 -4.42
CA THR A 143 -17.71 5.10 -4.94
C THR A 143 -17.19 5.97 -6.08
N LYS A 144 -18.09 6.43 -6.96
CA LYS A 144 -17.67 7.07 -8.22
C LYS A 144 -16.89 8.35 -7.89
N ARG A 145 -17.28 9.11 -6.88
CA ARG A 145 -16.55 10.35 -6.55
C ARG A 145 -15.15 9.96 -6.07
N LYS A 146 -15.03 9.01 -5.13
CA LYS A 146 -13.72 8.52 -4.62
C LYS A 146 -12.84 8.13 -5.81
N TRP A 147 -13.38 7.36 -6.74
CA TRP A 147 -12.60 6.78 -7.85
C TRP A 147 -12.30 7.86 -8.86
N GLU A 148 -13.12 8.92 -8.87
CA GLU A 148 -12.83 10.05 -9.77
C GLU A 148 -11.60 10.81 -9.22
N ALA A 149 -11.53 10.97 -7.91
CA ALA A 149 -10.46 11.70 -7.21
C ALA A 149 -9.17 10.85 -7.10
N ALA A 150 -9.27 9.58 -6.76
CA ALA A 150 -8.13 8.63 -6.68
C ALA A 150 -7.54 8.33 -8.07
N HIS A 151 -8.28 8.69 -9.14
CA HIS A 151 -7.93 8.50 -10.58
C HIS A 151 -7.86 7.00 -10.92
N ALA A 152 -8.62 6.16 -10.22
CA ALA A 152 -8.83 4.74 -10.54
C ALA A 152 -8.83 4.48 -12.05
N ALA A 153 -9.60 5.21 -12.86
CA ALA A 153 -9.74 4.93 -14.30
C ALA A 153 -8.35 4.91 -14.94
N GLU A 154 -7.53 5.91 -14.66
CA GLU A 154 -6.12 6.05 -15.12
C GLU A 154 -5.38 4.74 -14.79
N GLN A 155 -5.71 4.05 -13.67
CA GLN A 155 -5.09 2.76 -13.23
C GLN A 155 -5.57 1.64 -14.16
N GLN A 156 -6.88 1.41 -14.23
CA GLN A 156 -7.45 0.38 -15.14
C GLN A 156 -6.86 0.60 -16.55
N ARG A 157 -6.92 1.82 -17.06
CA ARG A 157 -6.53 2.08 -18.46
C ARG A 157 -5.09 1.61 -18.65
N ALA A 158 -4.20 1.99 -17.74
CA ALA A 158 -2.77 1.65 -17.81
C ALA A 158 -2.64 0.14 -17.88
N TYR A 159 -3.44 -0.59 -17.07
CA TYR A 159 -3.45 -2.06 -17.09
C TYR A 159 -4.00 -2.59 -18.42
N LEU A 160 -5.22 -2.23 -18.81
CA LEU A 160 -5.94 -2.81 -19.97
C LEU A 160 -5.24 -2.55 -21.31
N GLU A 161 -4.50 -1.46 -21.48
CA GLU A 161 -3.84 -1.08 -22.76
C GLU A 161 -2.36 -1.51 -22.71
N GLY A 162 -1.86 -1.84 -21.52
CA GLY A 162 -0.45 -2.21 -21.26
C GLY A 162 -0.33 -3.68 -20.87
N ARG A 163 -0.21 -3.97 -19.58
CA ARG A 163 0.12 -5.34 -19.11
C ARG A 163 -0.93 -6.36 -19.53
N CYS A 164 -2.18 -5.97 -19.72
CA CYS A 164 -3.24 -6.95 -20.05
C CYS A 164 -2.92 -7.53 -21.44
N VAL A 165 -2.50 -6.71 -22.40
CA VAL A 165 -2.33 -7.21 -23.79
C VAL A 165 -0.94 -7.83 -23.87
N GLU A 166 0.10 -7.19 -23.33
CA GLU A 166 1.46 -7.77 -23.34
C GLU A 166 1.35 -9.24 -22.97
N TRP A 167 0.57 -9.53 -21.92
CA TRP A 167 0.59 -10.86 -21.25
C TRP A 167 -0.38 -11.80 -21.94
N LEU A 168 -1.50 -11.28 -22.45
CA LEU A 168 -2.46 -12.06 -23.30
C LEU A 168 -1.69 -12.63 -24.47
N ARG A 169 -0.92 -11.79 -25.15
CA ARG A 169 -0.06 -12.16 -26.30
C ARG A 169 0.92 -13.25 -25.89
N ARG A 170 1.57 -13.14 -24.71
CA ARG A 170 2.58 -14.14 -24.24
C ARG A 170 1.85 -15.47 -24.04
N TYR A 171 0.65 -15.42 -23.44
CA TYR A 171 -0.18 -16.61 -23.12
C TYR A 171 -0.60 -17.32 -24.42
N LEU A 172 -0.86 -16.57 -25.49
CA LEU A 172 -1.30 -17.15 -26.78
C LEU A 172 -0.10 -17.84 -27.49
N GLU A 173 1.11 -17.31 -27.31
CA GLU A 173 2.34 -17.89 -27.92
C GLU A 173 2.59 -19.15 -27.10
N ASN A 174 2.66 -19.01 -25.78
CA ASN A 174 2.98 -20.12 -24.85
C ASN A 174 1.99 -21.27 -25.06
N GLY A 175 0.71 -20.96 -25.22
CA GLY A 175 -0.38 -21.95 -25.33
C GLY A 175 -0.87 -22.20 -26.75
N LYS A 176 -0.09 -21.85 -27.79
CA LYS A 176 -0.57 -21.79 -29.20
C LYS A 176 -1.17 -23.12 -29.64
N GLU A 177 -0.63 -24.27 -29.22
CA GLU A 177 -1.10 -25.61 -29.67
C GLU A 177 -2.49 -25.89 -29.08
N THR A 178 -2.84 -25.22 -27.97
CA THR A 178 -4.17 -25.29 -27.29
C THR A 178 -5.01 -24.05 -27.62
N LEU A 179 -4.53 -22.86 -27.31
CA LEU A 179 -5.41 -21.68 -27.35
C LEU A 179 -5.79 -21.35 -28.81
N GLN A 180 -4.95 -21.71 -29.78
CA GLN A 180 -5.19 -21.41 -31.22
C GLN A 180 -5.60 -22.67 -32.01
N ARG A 181 -5.95 -23.77 -31.36
CA ARG A 181 -6.60 -24.94 -32.02
C ARG A 181 -8.05 -24.54 -32.30
N THR A 182 -8.57 -24.93 -33.46
CA THR A 182 -10.03 -25.15 -33.70
C THR A 182 -10.28 -26.67 -33.71
N ASP A 183 -11.23 -27.07 -32.86
CA ASP A 183 -11.82 -28.43 -32.80
C ASP A 183 -13.23 -28.32 -33.39
N PRO A 184 -13.55 -28.95 -34.55
CA PRO A 184 -14.85 -28.80 -35.19
C PRO A 184 -15.89 -29.58 -34.42
N PRO A 185 -17.18 -29.25 -34.56
CA PRO A 185 -18.24 -30.00 -33.89
C PRO A 185 -18.50 -31.34 -34.58
N LYS A 186 -18.61 -32.41 -33.81
CA LYS A 186 -19.04 -33.71 -34.35
C LYS A 186 -20.55 -33.77 -34.13
N THR A 187 -21.32 -33.96 -35.20
CA THR A 187 -22.80 -33.74 -35.23
C THR A 187 -23.60 -35.01 -35.51
N HIS A 188 -24.57 -35.32 -34.66
CA HIS A 188 -25.66 -36.24 -35.07
C HIS A 188 -27.02 -35.54 -34.91
N MET A 189 -28.11 -36.27 -35.19
CA MET A 189 -29.53 -35.84 -35.09
C MET A 189 -30.32 -36.96 -34.38
N THR A 190 -31.26 -36.59 -33.50
CA THR A 190 -32.20 -37.52 -32.79
C THR A 190 -33.67 -37.09 -32.97
N HIS A 191 -34.57 -38.04 -32.74
CA HIS A 191 -36.00 -37.97 -33.08
C HIS A 191 -36.78 -38.54 -31.91
N HIS A 192 -37.73 -37.77 -31.38
CA HIS A 192 -38.53 -38.13 -30.17
C HIS A 192 -40.00 -37.85 -30.45
N PRO A 193 -40.79 -38.85 -30.89
CA PRO A 193 -42.21 -38.64 -31.08
C PRO A 193 -42.79 -38.04 -29.80
N ILE A 194 -43.39 -36.86 -29.90
CA ILE A 194 -44.02 -36.22 -28.72
C ILE A 194 -45.50 -36.53 -28.77
N SER A 195 -45.99 -36.95 -29.92
CA SER A 195 -47.43 -37.21 -30.08
C SER A 195 -47.66 -38.01 -31.36
N ASP A 196 -48.89 -38.46 -31.58
CA ASP A 196 -49.22 -39.21 -32.80
C ASP A 196 -49.17 -38.26 -34.00
N HIS A 197 -48.96 -36.97 -33.73
CA HIS A 197 -49.01 -35.98 -34.83
C HIS A 197 -47.73 -35.15 -34.88
N GLU A 198 -47.04 -34.99 -33.75
CA GLU A 198 -45.86 -34.12 -33.73
C GLU A 198 -44.63 -34.90 -33.26
N ALA A 199 -43.45 -34.42 -33.65
CA ALA A 199 -42.19 -35.07 -33.23
C ALA A 199 -41.10 -34.03 -33.02
N THR A 200 -40.11 -34.35 -32.19
CA THR A 200 -38.99 -33.42 -31.87
C THR A 200 -37.72 -33.90 -32.57
N LEU A 201 -37.25 -33.16 -33.59
CA LEU A 201 -35.90 -33.32 -34.16
C LEU A 201 -34.92 -32.53 -33.28
N ARG A 202 -33.94 -33.20 -32.68
CA ARG A 202 -32.83 -32.52 -31.98
C ARG A 202 -31.54 -32.71 -32.80
N CYS A 203 -30.82 -31.62 -33.01
CA CYS A 203 -29.56 -31.54 -33.76
C CYS A 203 -28.43 -31.32 -32.76
N TRP A 204 -27.47 -32.23 -32.72
CA TRP A 204 -26.40 -32.25 -31.70
C TRP A 204 -25.08 -31.74 -32.28
N ALA A 205 -24.24 -31.10 -31.46
CA ALA A 205 -22.87 -30.68 -31.82
C ALA A 205 -21.97 -30.93 -30.61
N LEU A 206 -20.90 -31.72 -30.77
CA LEU A 206 -20.06 -32.19 -29.62
C LEU A 206 -18.57 -31.97 -29.87
N GLY A 207 -17.81 -31.84 -28.78
CA GLY A 207 -16.34 -31.73 -28.73
C GLY A 207 -15.77 -30.47 -29.35
N PHE A 208 -16.56 -29.44 -29.64
CA PHE A 208 -16.06 -28.25 -30.37
C PHE A 208 -15.34 -27.29 -29.40
N TYR A 209 -14.38 -26.52 -29.93
CA TYR A 209 -13.70 -25.36 -29.29
C TYR A 209 -13.29 -24.43 -30.42
N PRO A 210 -13.44 -23.09 -30.30
CA PRO A 210 -14.08 -22.43 -29.14
C PRO A 210 -15.61 -22.57 -29.07
N ALA A 211 -16.24 -21.99 -28.05
CA ALA A 211 -17.64 -22.24 -27.66
C ALA A 211 -18.61 -21.52 -28.60
N GLU A 212 -18.15 -20.42 -29.21
CA GLU A 212 -18.91 -19.70 -30.25
C GLU A 212 -19.31 -20.72 -31.33
N ILE A 213 -20.63 -20.89 -31.54
CA ILE A 213 -21.24 -21.75 -32.61
C ILE A 213 -22.67 -21.28 -32.92
N THR A 214 -23.10 -21.43 -34.16
CA THR A 214 -24.42 -21.01 -34.65
C THR A 214 -25.14 -22.23 -35.26
N LEU A 215 -26.18 -22.68 -34.56
CA LEU A 215 -27.04 -23.78 -35.02
C LEU A 215 -28.36 -23.20 -35.51
N THR A 216 -28.68 -23.32 -36.79
CA THR A 216 -30.02 -22.95 -37.31
C THR A 216 -30.70 -24.10 -38.05
N TRP A 217 -32.01 -23.99 -38.20
CA TRP A 217 -32.89 -24.93 -38.92
C TRP A 217 -33.33 -24.30 -40.25
N GLN A 218 -33.72 -25.16 -41.18
CA GLN A 218 -34.24 -24.68 -42.49
C GLN A 218 -35.32 -25.69 -42.90
N ARG A 219 -36.45 -25.21 -43.41
CA ARG A 219 -37.52 -26.12 -43.90
C ARG A 219 -37.68 -25.91 -45.39
N ASP A 220 -37.73 -27.00 -46.15
CA ASP A 220 -37.81 -26.89 -47.63
C ASP A 220 -36.83 -25.81 -48.09
N GLY A 221 -35.69 -25.68 -47.42
CA GLY A 221 -34.64 -24.74 -47.85
C GLY A 221 -34.88 -23.31 -47.41
N GLU A 222 -35.65 -23.10 -46.34
CA GLU A 222 -36.00 -21.71 -45.95
C GLU A 222 -35.81 -21.51 -44.45
N ASP A 223 -35.25 -20.36 -44.07
CA ASP A 223 -35.06 -20.02 -42.64
C ASP A 223 -36.29 -20.52 -41.83
N GLN A 224 -36.04 -21.24 -40.72
CA GLN A 224 -37.11 -21.62 -39.75
C GLN A 224 -36.68 -21.44 -38.29
N THR A 225 -37.31 -20.51 -37.55
CA THR A 225 -37.14 -20.28 -36.08
C THR A 225 -38.39 -20.67 -35.28
N GLN A 226 -39.58 -20.63 -35.90
CA GLN A 226 -40.84 -21.09 -35.27
C GLN A 226 -40.69 -22.52 -34.76
N ASP A 227 -40.94 -22.72 -33.46
CA ASP A 227 -41.03 -24.04 -32.78
C ASP A 227 -39.62 -24.55 -32.46
N THR A 228 -38.60 -23.69 -32.53
CA THR A 228 -37.18 -24.09 -32.33
C THR A 228 -36.73 -23.76 -30.91
N GLU A 229 -36.03 -24.69 -30.27
CA GLU A 229 -35.27 -24.47 -29.00
C GLU A 229 -33.77 -24.37 -29.34
N LEU A 230 -33.01 -23.71 -28.47
CA LEU A 230 -31.51 -23.75 -28.36
C LEU A 230 -31.16 -24.03 -26.90
N VAL A 231 -30.34 -25.00 -26.55
CA VAL A 231 -29.86 -25.02 -25.15
C VAL A 231 -28.69 -24.06 -25.03
N GLU A 232 -28.45 -23.64 -23.80
CA GLU A 232 -27.20 -23.02 -23.31
C GLU A 232 -26.06 -23.99 -23.64
N THR A 233 -25.08 -23.52 -24.42
CA THR A 233 -23.79 -24.19 -24.67
C THR A 233 -23.21 -24.66 -23.32
N ARG A 234 -22.78 -25.91 -23.20
CA ARG A 234 -22.29 -26.47 -21.92
C ARG A 234 -20.90 -27.08 -22.09
N PRO A 235 -20.09 -27.12 -21.01
CA PRO A 235 -18.74 -27.68 -21.08
C PRO A 235 -18.70 -29.23 -21.05
N ALA A 236 -17.75 -29.86 -21.75
CA ALA A 236 -17.56 -31.33 -21.73
C ALA A 236 -16.77 -31.76 -20.48
N GLY A 237 -15.84 -30.93 -19.99
CA GLY A 237 -14.93 -31.26 -18.87
C GLY A 237 -13.50 -31.41 -19.35
N ASP A 238 -13.31 -31.61 -20.66
CA ASP A 238 -11.99 -31.82 -21.32
C ASP A 238 -11.50 -30.51 -21.94
N GLY A 239 -12.28 -29.42 -21.83
CA GLY A 239 -11.98 -28.11 -22.41
C GLY A 239 -12.68 -27.87 -23.74
N THR A 240 -13.71 -28.69 -24.05
CA THR A 240 -14.59 -28.56 -25.24
C THR A 240 -16.07 -28.42 -24.85
N PHE A 241 -16.90 -28.17 -25.85
CA PHE A 241 -18.27 -27.64 -25.67
C PHE A 241 -19.26 -28.51 -26.45
N GLN A 242 -20.48 -28.47 -25.93
CA GLN A 242 -21.64 -29.24 -26.40
C GLN A 242 -22.83 -28.29 -26.40
N LYS A 243 -23.71 -28.47 -27.38
CA LYS A 243 -24.93 -27.65 -27.57
C LYS A 243 -25.77 -28.36 -28.62
N TRP A 244 -27.08 -28.36 -28.40
CA TRP A 244 -28.05 -28.88 -29.37
C TRP A 244 -29.07 -27.80 -29.71
N ALA A 245 -29.79 -28.01 -30.82
CA ALA A 245 -30.92 -27.19 -31.28
C ALA A 245 -32.07 -28.15 -31.59
N ALA A 246 -33.31 -27.83 -31.25
CA ALA A 246 -34.45 -28.73 -31.53
C ALA A 246 -35.53 -27.95 -32.30
N VAL A 247 -36.31 -28.64 -33.11
CA VAL A 247 -37.56 -28.13 -33.75
C VAL A 247 -38.64 -29.21 -33.60
N VAL A 248 -39.88 -28.79 -33.32
CA VAL A 248 -41.09 -29.67 -33.32
C VAL A 248 -41.64 -29.65 -34.74
N VAL A 249 -41.87 -30.83 -35.29
CA VAL A 249 -42.27 -30.90 -36.73
C VAL A 249 -43.48 -31.83 -36.85
N PRO A 250 -44.27 -31.72 -37.93
CA PRO A 250 -45.38 -32.62 -38.15
C PRO A 250 -44.82 -33.99 -38.52
N SER A 251 -45.43 -35.06 -37.98
CA SER A 251 -45.00 -36.44 -38.33
C SER A 251 -45.13 -36.65 -39.83
N GLY A 252 -44.30 -37.51 -40.41
CA GLY A 252 -44.28 -37.70 -41.88
C GLY A 252 -43.44 -36.65 -42.58
N GLU A 253 -43.22 -35.49 -41.97
CA GLU A 253 -42.64 -34.31 -42.65
C GLU A 253 -41.21 -34.05 -42.14
N GLU A 254 -40.52 -35.09 -41.64
CA GLU A 254 -39.18 -34.93 -41.00
C GLU A 254 -38.14 -34.57 -42.06
N GLN A 255 -38.36 -35.00 -43.29
CA GLN A 255 -37.34 -34.99 -44.38
C GLN A 255 -37.22 -33.60 -45.03
N ARG A 256 -38.02 -32.62 -44.59
CA ARG A 256 -37.99 -31.27 -45.21
C ARG A 256 -37.14 -30.33 -44.36
N TYR A 257 -36.89 -30.70 -43.12
CA TYR A 257 -36.08 -29.90 -42.15
C TYR A 257 -34.62 -30.37 -42.24
N THR A 258 -33.73 -29.41 -42.04
CA THR A 258 -32.28 -29.57 -42.16
C THR A 258 -31.60 -28.74 -41.10
N CYS A 259 -30.75 -29.34 -40.27
CA CYS A 259 -29.92 -28.62 -39.29
C CYS A 259 -28.69 -28.07 -40.02
N HIS A 260 -28.36 -26.81 -39.70
CA HIS A 260 -27.21 -26.06 -40.27
C HIS A 260 -26.23 -25.74 -39.15
N VAL A 261 -24.93 -25.98 -39.36
CA VAL A 261 -23.90 -25.80 -38.30
C VAL A 261 -22.72 -24.98 -38.82
N GLN A 262 -22.48 -23.81 -38.21
CA GLN A 262 -21.36 -22.89 -38.54
C GLN A 262 -20.50 -22.77 -37.28
N HIS A 263 -19.21 -23.08 -37.42
CA HIS A 263 -18.19 -22.98 -36.36
C HIS A 263 -16.89 -22.56 -37.04
N GLU A 264 -15.93 -22.06 -36.26
CA GLU A 264 -14.69 -21.43 -36.79
C GLU A 264 -13.88 -22.51 -37.54
N GLY A 265 -13.77 -23.71 -36.98
CA GLY A 265 -13.00 -24.83 -37.57
C GLY A 265 -13.82 -25.69 -38.52
N LEU A 266 -14.82 -25.12 -39.19
CA LEU A 266 -15.51 -25.69 -40.39
C LEU A 266 -15.25 -24.80 -41.61
N PRO A 267 -14.42 -25.23 -42.58
CA PRO A 267 -14.25 -24.48 -43.84
C PRO A 267 -15.60 -24.18 -44.51
N LYS A 268 -16.49 -25.17 -44.61
CA LYS A 268 -17.86 -25.00 -45.15
C LYS A 268 -18.84 -25.29 -44.00
N PRO A 269 -20.01 -24.62 -43.92
CA PRO A 269 -21.04 -25.00 -42.95
C PRO A 269 -21.46 -26.45 -43.18
N LEU A 270 -21.81 -27.14 -42.10
CA LEU A 270 -22.29 -28.53 -42.11
C LEU A 270 -23.80 -28.54 -42.29
N THR A 271 -24.36 -29.71 -42.58
CA THR A 271 -25.80 -29.92 -42.87
C THR A 271 -26.20 -31.34 -42.50
N LEU A 272 -27.19 -31.52 -41.64
CA LEU A 272 -27.78 -32.83 -41.27
C LEU A 272 -29.26 -32.84 -41.62
N ARG A 273 -29.77 -34.05 -41.73
CA ARG A 273 -31.16 -34.44 -42.06
C ARG A 273 -31.45 -35.71 -41.25
N TRP A 274 -32.68 -35.91 -40.77
CA TRP A 274 -33.10 -37.17 -40.09
C TRP A 274 -32.99 -38.33 -41.08
N GLU A 275 -32.36 -39.43 -40.62
CA GLU A 275 -32.05 -40.70 -41.34
C GLU A 275 -32.57 -41.86 -40.49
N PRO A 276 -33.75 -42.46 -40.84
CA PRO A 276 -34.30 -43.62 -40.13
C PRO A 276 -34.16 -44.94 -40.91
N ILE B 2 -32.60 -9.58 -5.21
CA ILE B 2 -33.26 -10.47 -6.22
C ILE B 2 -32.43 -11.74 -6.34
N GLN B 3 -33.08 -12.87 -6.64
CA GLN B 3 -32.32 -14.16 -6.69
C GLN B 3 -32.81 -15.02 -7.86
N ARG B 4 -31.88 -15.59 -8.63
CA ARG B 4 -32.16 -16.36 -9.88
C ARG B 4 -32.03 -17.85 -9.56
N THR B 5 -32.98 -18.68 -10.04
CA THR B 5 -33.04 -20.16 -9.79
C THR B 5 -32.23 -20.90 -10.85
N PRO B 6 -31.48 -21.98 -10.47
CA PRO B 6 -30.55 -22.63 -11.39
C PRO B 6 -31.20 -23.41 -12.54
N LYS B 7 -30.71 -23.19 -13.75
CA LYS B 7 -30.85 -24.16 -14.86
C LYS B 7 -29.89 -25.35 -14.60
N ILE B 8 -30.35 -26.55 -14.94
CA ILE B 8 -29.63 -27.84 -14.74
C ILE B 8 -29.64 -28.64 -16.04
N GLN B 9 -28.48 -29.09 -16.53
CA GLN B 9 -28.34 -30.06 -17.66
C GLN B 9 -27.55 -31.28 -17.18
N VAL B 10 -27.97 -32.49 -17.56
CA VAL B 10 -27.23 -33.72 -17.13
C VAL B 10 -26.93 -34.59 -18.35
N TYR B 11 -25.64 -34.87 -18.52
CA TYR B 11 -25.06 -35.47 -19.73
C TYR B 11 -23.72 -36.12 -19.39
N SER B 12 -23.19 -36.88 -20.36
CA SER B 12 -21.83 -37.45 -20.38
C SER B 12 -20.97 -36.63 -21.35
N ARG B 13 -19.68 -36.46 -20.99
CA ARG B 13 -18.57 -35.91 -21.83
C ARG B 13 -18.56 -36.54 -23.24
N HIS B 14 -18.58 -37.87 -23.31
CA HIS B 14 -18.46 -38.65 -24.56
C HIS B 14 -19.77 -39.43 -24.71
N PRO B 15 -20.30 -39.67 -25.94
CA PRO B 15 -21.53 -40.45 -26.10
C PRO B 15 -21.44 -41.75 -25.31
N ALA B 16 -22.51 -42.13 -24.61
CA ALA B 16 -22.56 -43.29 -23.70
C ALA B 16 -22.37 -44.60 -24.49
N GLU B 17 -21.63 -45.55 -23.87
CA GLU B 17 -21.29 -46.92 -24.38
C GLU B 17 -21.23 -47.85 -23.16
N ASN B 18 -22.13 -48.84 -23.08
CA ASN B 18 -22.24 -49.69 -21.87
C ASN B 18 -20.93 -50.45 -21.65
N GLY B 19 -20.34 -50.33 -20.45
CA GLY B 19 -19.09 -51.00 -20.03
C GLY B 19 -17.86 -50.17 -20.36
N LYS B 20 -18.04 -48.96 -20.88
CA LYS B 20 -16.94 -48.07 -21.35
C LYS B 20 -16.81 -46.90 -20.37
N SER B 21 -15.56 -46.46 -20.15
CA SER B 21 -15.18 -45.37 -19.22
C SER B 21 -15.73 -44.04 -19.76
N ASN B 22 -16.08 -43.13 -18.86
CA ASN B 22 -16.74 -41.85 -19.21
C ASN B 22 -16.74 -40.98 -17.95
N PHE B 23 -17.18 -39.74 -18.10
CA PHE B 23 -17.33 -38.76 -17.01
C PHE B 23 -18.80 -38.28 -17.05
N LEU B 24 -19.51 -38.41 -15.93
CA LEU B 24 -20.87 -37.85 -15.76
C LEU B 24 -20.75 -36.40 -15.27
N ASN B 25 -21.29 -35.45 -16.06
CA ASN B 25 -21.32 -34.00 -15.79
C ASN B 25 -22.75 -33.57 -15.45
N CYS B 26 -22.86 -32.65 -14.49
CA CYS B 26 -24.07 -31.86 -14.14
C CYS B 26 -23.74 -30.36 -14.17
N TYR B 27 -24.30 -29.64 -15.12
CA TYR B 27 -24.05 -28.20 -15.36
C TYR B 27 -25.17 -27.40 -14.69
N VAL B 28 -24.82 -26.63 -13.65
CA VAL B 28 -25.78 -25.70 -12.99
C VAL B 28 -25.41 -24.28 -13.43
N SER B 29 -26.38 -23.51 -13.93
CA SER B 29 -26.10 -22.15 -14.48
C SER B 29 -27.27 -21.20 -14.25
N GLY B 30 -26.98 -19.89 -14.30
CA GLY B 30 -27.99 -18.82 -14.24
C GLY B 30 -28.64 -18.73 -12.88
N PHE B 31 -27.83 -18.78 -11.81
CA PHE B 31 -28.32 -18.79 -10.41
C PHE B 31 -27.59 -17.74 -9.56
N HIS B 32 -28.18 -17.40 -8.41
CA HIS B 32 -27.62 -16.39 -7.50
C HIS B 32 -28.44 -16.40 -6.21
N PRO B 33 -27.84 -16.35 -5.01
CA PRO B 33 -26.39 -16.21 -4.85
C PRO B 33 -25.63 -17.52 -5.16
N SER B 34 -24.33 -17.52 -4.87
CA SER B 34 -23.35 -18.57 -5.25
C SER B 34 -23.55 -19.84 -4.41
N ASP B 35 -24.08 -19.73 -3.18
CA ASP B 35 -24.23 -20.88 -2.22
C ASP B 35 -25.24 -21.90 -2.76
N ILE B 36 -24.73 -23.05 -3.21
CA ILE B 36 -25.50 -24.17 -3.83
C ILE B 36 -24.89 -25.50 -3.37
N GLU B 37 -25.68 -26.57 -3.41
CA GLU B 37 -25.34 -27.95 -2.99
C GLU B 37 -25.78 -28.89 -4.11
N VAL B 38 -24.83 -29.60 -4.73
CA VAL B 38 -25.04 -30.37 -5.99
C VAL B 38 -24.45 -31.78 -5.80
N ASP B 39 -25.30 -32.80 -5.73
CA ASP B 39 -24.94 -34.25 -5.55
C ASP B 39 -25.24 -35.01 -6.84
N LEU B 40 -24.42 -36.03 -7.13
CA LEU B 40 -24.64 -36.99 -8.26
C LEU B 40 -25.18 -38.31 -7.69
N LEU B 41 -26.30 -38.79 -8.24
CA LEU B 41 -27.04 -39.99 -7.75
C LEU B 41 -26.87 -41.17 -8.70
N LYS B 42 -26.54 -42.34 -8.13
CA LYS B 42 -26.58 -43.72 -8.71
C LYS B 42 -27.73 -44.48 -8.04
N ASN B 43 -28.84 -44.66 -8.74
CA ASN B 43 -30.07 -45.34 -8.24
C ASN B 43 -30.56 -44.63 -6.96
N GLY B 44 -30.58 -43.30 -6.99
CA GLY B 44 -31.07 -42.43 -5.90
C GLY B 44 -30.08 -42.27 -4.74
N GLU B 45 -28.85 -42.80 -4.86
CA GLU B 45 -27.77 -42.77 -3.83
C GLU B 45 -26.65 -41.79 -4.21
N ARG B 46 -26.34 -40.80 -3.37
CA ARG B 46 -25.20 -39.84 -3.53
C ARG B 46 -23.96 -40.61 -4.01
N ILE B 47 -23.04 -39.94 -4.73
CA ILE B 47 -21.68 -40.46 -5.07
C ILE B 47 -20.61 -39.65 -4.30
N GLU B 48 -19.45 -40.25 -4.00
CA GLU B 48 -18.51 -39.78 -2.92
C GLU B 48 -17.49 -38.79 -3.47
N LYS B 49 -16.84 -39.15 -4.59
CA LYS B 49 -15.56 -38.55 -5.06
C LYS B 49 -15.84 -37.48 -6.13
N VAL B 50 -17.01 -36.84 -6.07
CA VAL B 50 -17.51 -35.82 -7.06
C VAL B 50 -16.68 -34.54 -6.90
N GLU B 51 -16.23 -33.94 -8.00
CA GLU B 51 -15.49 -32.66 -8.04
C GLU B 51 -16.34 -31.59 -8.74
N HIS B 52 -16.03 -30.31 -8.53
CA HIS B 52 -16.60 -29.17 -9.30
C HIS B 52 -15.48 -28.29 -9.89
N SER B 53 -15.78 -27.61 -11.00
CA SER B 53 -14.99 -26.47 -11.59
C SER B 53 -15.02 -25.29 -10.64
N ASP B 54 -14.07 -24.37 -10.81
CA ASP B 54 -14.01 -23.13 -9.99
C ASP B 54 -15.15 -22.19 -10.33
N LEU B 55 -15.53 -21.39 -9.34
CA LEU B 55 -16.69 -20.47 -9.39
C LEU B 55 -16.38 -19.31 -10.33
N SER B 56 -17.20 -19.16 -11.36
CA SER B 56 -17.13 -18.08 -12.38
C SER B 56 -18.57 -17.60 -12.59
N PHE B 57 -18.79 -16.58 -13.41
CA PHE B 57 -20.17 -16.14 -13.77
C PHE B 57 -20.23 -15.64 -15.21
N SER B 58 -21.47 -15.52 -15.68
CA SER B 58 -21.86 -15.07 -17.04
C SER B 58 -22.03 -13.56 -17.10
N LYS B 59 -22.15 -13.01 -18.31
CA LYS B 59 -22.31 -11.56 -18.60
C LYS B 59 -23.33 -10.96 -17.63
N ASP B 60 -24.46 -11.65 -17.47
CA ASP B 60 -25.59 -11.18 -16.63
C ASP B 60 -25.40 -11.52 -15.14
N TRP B 61 -24.17 -11.60 -14.66
CA TRP B 61 -23.79 -11.75 -13.23
C TRP B 61 -24.14 -13.12 -12.65
N SER B 62 -24.86 -13.98 -13.36
CA SER B 62 -25.34 -15.28 -12.82
C SER B 62 -24.21 -16.32 -12.85
N PHE B 63 -24.04 -17.06 -11.77
CA PHE B 63 -22.94 -18.05 -11.59
C PHE B 63 -23.25 -19.34 -12.35
N TYR B 64 -22.18 -20.01 -12.83
CA TYR B 64 -22.17 -21.41 -13.35
C TYR B 64 -21.10 -22.25 -12.64
N LEU B 65 -21.43 -23.52 -12.39
CA LEU B 65 -20.52 -24.61 -11.95
C LEU B 65 -20.77 -25.88 -12.76
N LEU B 66 -19.70 -26.62 -13.08
CA LEU B 66 -19.76 -28.02 -13.57
C LEU B 66 -19.48 -28.96 -12.39
N TYR B 67 -20.28 -30.00 -12.18
CA TYR B 67 -19.96 -31.12 -11.26
C TYR B 67 -19.74 -32.39 -12.07
N TYR B 68 -18.62 -33.10 -11.83
CA TYR B 68 -18.13 -34.25 -12.65
C TYR B 68 -17.56 -35.37 -11.76
N THR B 69 -17.49 -36.60 -12.30
CA THR B 69 -16.86 -37.83 -11.71
C THR B 69 -16.63 -38.88 -12.81
N GLU B 70 -15.66 -39.79 -12.62
CA GLU B 70 -15.56 -41.09 -13.34
C GLU B 70 -16.87 -41.90 -13.18
N PHE B 71 -17.27 -42.64 -14.21
CA PHE B 71 -18.34 -43.66 -14.12
C PHE B 71 -18.32 -44.54 -15.37
N THR B 72 -19.10 -45.62 -15.33
CA THR B 72 -19.22 -46.60 -16.43
C THR B 72 -20.69 -46.96 -16.58
N PRO B 73 -21.35 -46.52 -17.68
CA PRO B 73 -22.79 -46.75 -17.83
C PRO B 73 -23.11 -48.23 -18.12
N THR B 74 -24.27 -48.71 -17.64
CA THR B 74 -24.87 -50.06 -17.82
C THR B 74 -26.34 -49.92 -18.25
N GLU B 75 -26.85 -50.76 -19.15
CA GLU B 75 -28.32 -50.98 -19.32
C GLU B 75 -29.01 -50.77 -17.95
N LYS B 76 -28.57 -51.49 -16.92
CA LYS B 76 -29.25 -51.56 -15.59
C LYS B 76 -29.29 -50.17 -14.94
N ASP B 77 -28.14 -49.67 -14.47
CA ASP B 77 -27.97 -48.51 -13.55
C ASP B 77 -28.63 -47.21 -14.09
N GLU B 78 -29.53 -46.59 -13.32
CA GLU B 78 -30.04 -45.21 -13.53
C GLU B 78 -29.00 -44.23 -12.92
N TYR B 79 -28.82 -43.07 -13.56
CA TYR B 79 -28.04 -41.90 -13.04
C TYR B 79 -28.94 -40.65 -13.07
N ALA B 80 -28.56 -39.62 -12.31
CA ALA B 80 -29.32 -38.36 -12.12
C ALA B 80 -28.49 -37.35 -11.31
N CYS B 81 -28.99 -36.11 -11.21
CA CYS B 81 -28.32 -34.97 -10.52
C CYS B 81 -29.30 -34.42 -9.49
N ARG B 82 -28.83 -34.06 -8.31
CA ARG B 82 -29.71 -33.44 -7.29
C ARG B 82 -29.11 -32.08 -6.93
N VAL B 83 -29.89 -31.01 -7.15
CA VAL B 83 -29.53 -29.58 -6.93
C VAL B 83 -30.41 -29.03 -5.80
N ASN B 84 -29.84 -28.12 -5.01
CA ASN B 84 -30.50 -27.45 -3.87
C ASN B 84 -29.97 -26.03 -3.83
N HIS B 85 -30.78 -25.06 -3.40
CA HIS B 85 -30.54 -23.60 -3.58
C HIS B 85 -31.75 -22.86 -3.00
N VAL B 86 -31.48 -21.77 -2.27
CA VAL B 86 -32.50 -20.97 -1.52
C VAL B 86 -33.75 -20.66 -2.39
N THR B 87 -33.64 -20.64 -3.72
CA THR B 87 -34.79 -20.40 -4.66
C THR B 87 -35.76 -21.58 -4.71
N LEU B 88 -35.35 -22.75 -4.18
CA LEU B 88 -36.08 -24.03 -4.31
C LEU B 88 -36.76 -24.38 -2.98
N SER B 89 -38.02 -24.81 -3.03
CA SER B 89 -38.77 -25.34 -1.86
C SER B 89 -38.15 -26.68 -1.43
N GLN B 90 -37.83 -27.57 -2.37
CA GLN B 90 -37.12 -28.86 -2.08
C GLN B 90 -36.22 -29.25 -3.25
N PRO B 91 -35.24 -30.16 -3.04
CA PRO B 91 -34.22 -30.47 -4.04
C PRO B 91 -34.84 -30.86 -5.39
N LYS B 92 -34.35 -30.26 -6.46
CA LYS B 92 -34.69 -30.61 -7.86
C LYS B 92 -33.80 -31.79 -8.30
N ILE B 93 -34.42 -32.88 -8.76
CA ILE B 93 -33.69 -33.98 -9.46
C ILE B 93 -34.06 -33.94 -10.94
N VAL B 94 -33.04 -33.91 -11.80
CA VAL B 94 -33.16 -34.22 -13.25
C VAL B 94 -32.47 -35.57 -13.47
N LYS B 95 -33.22 -36.50 -14.08
CA LYS B 95 -32.77 -37.85 -14.50
C LYS B 95 -31.86 -37.70 -15.73
N TRP B 96 -30.75 -38.44 -15.78
CA TRP B 96 -29.86 -38.54 -16.97
C TRP B 96 -30.57 -39.32 -18.05
N ASP B 97 -30.66 -38.79 -19.29
CA ASP B 97 -31.29 -39.50 -20.44
C ASP B 97 -30.32 -39.47 -21.60
N ARG B 98 -29.55 -40.53 -21.76
CA ARG B 98 -28.48 -40.63 -22.79
C ARG B 98 -29.06 -40.56 -24.21
N ASP B 99 -30.38 -40.76 -24.39
CA ASP B 99 -31.05 -40.92 -25.72
C ASP B 99 -31.67 -39.59 -26.19
N MET B 100 -31.23 -38.48 -25.58
CA MET B 100 -31.76 -37.10 -25.78
C MET B 100 -31.19 -36.54 -27.07
N VAL C 1 -1.98 -12.07 -16.41
CA VAL C 1 -1.61 -11.47 -15.09
C VAL C 1 -2.76 -10.57 -14.61
N VAL C 2 -3.05 -10.65 -13.31
CA VAL C 2 -4.05 -9.79 -12.64
C VAL C 2 -3.57 -8.32 -12.64
N VAL C 3 -4.56 -7.44 -12.58
CA VAL C 3 -4.39 -5.99 -12.30
C VAL C 3 -3.83 -5.87 -10.89
N GLY C 4 -3.11 -4.78 -10.63
CA GLY C 4 -2.72 -4.47 -9.25
C GLY C 4 -3.98 -4.15 -8.51
N ALA C 5 -4.03 -4.43 -7.21
CA ALA C 5 -5.12 -4.00 -6.32
C ALA C 5 -5.20 -2.48 -6.33
N GLY C 6 -6.43 -1.97 -6.45
CA GLY C 6 -6.79 -0.55 -6.33
C GLY C 6 -6.30 0.14 -5.05
N GLY C 7 -5.83 1.38 -5.24
CA GLY C 7 -5.23 2.24 -4.21
C GLY C 7 -6.27 2.70 -3.20
N VAL C 8 -7.54 2.77 -3.62
CA VAL C 8 -8.69 3.06 -2.71
C VAL C 8 -9.82 2.05 -2.99
N GLY C 9 -10.57 1.75 -1.92
CA GLY C 9 -11.75 0.88 -1.94
C GLY C 9 -12.95 1.62 -2.49
N LYS C 10 -14.15 1.05 -2.33
CA LYS C 10 -15.42 1.60 -2.84
C LYS C 10 -15.96 2.59 -1.79
N ALA D 1 14.31 -8.38 -3.04
CA ALA D 1 14.79 -7.35 -4.03
C ALA D 1 13.84 -6.14 -4.00
N GLN D 2 13.74 -5.48 -2.83
CA GLN D 2 13.33 -4.06 -2.69
C GLN D 2 14.45 -3.29 -1.98
N LYS D 3 15.07 -2.37 -2.75
CA LYS D 3 16.00 -1.31 -2.29
C LYS D 3 15.38 0.04 -2.70
N VAL D 4 15.61 1.07 -1.89
CA VAL D 4 15.54 2.48 -2.35
C VAL D 4 16.90 3.10 -2.06
N THR D 5 17.44 3.86 -3.00
CA THR D 5 18.79 4.47 -2.86
C THR D 5 18.71 5.99 -3.10
N GLN D 6 19.22 6.77 -2.15
CA GLN D 6 19.20 8.25 -2.24
C GLN D 6 20.57 8.80 -2.68
N ALA D 7 21.67 8.17 -2.24
CA ALA D 7 23.01 8.25 -2.87
C ALA D 7 23.73 9.54 -2.45
N GLN D 8 23.04 10.68 -2.54
CA GLN D 8 23.46 11.93 -1.85
C GLN D 8 23.16 11.76 -0.34
N THR D 9 24.19 11.79 0.50
CA THR D 9 24.01 11.91 1.97
C THR D 9 23.67 13.37 2.30
N GLU D 10 24.24 14.33 1.56
CA GLU D 10 24.35 15.75 2.01
C GLU D 10 24.53 16.66 0.81
N ILE D 11 23.67 17.69 0.71
CA ILE D 11 23.63 18.69 -0.40
C ILE D 11 23.30 20.07 0.18
N SER D 12 23.96 21.11 -0.33
CA SER D 12 23.86 22.52 0.16
C SER D 12 23.77 23.51 -1.01
N VAL D 13 22.76 24.39 -0.95
CA VAL D 13 22.41 25.41 -1.99
C VAL D 13 21.97 26.71 -1.31
N VAL D 14 22.46 27.86 -1.84
CA VAL D 14 22.10 29.23 -1.36
C VAL D 14 20.63 29.48 -1.69
N GLU D 15 19.93 30.34 -0.92
CA GLU D 15 18.44 30.54 -1.03
C GLU D 15 18.11 31.21 -2.37
N LYS D 16 16.81 31.21 -2.72
CA LYS D 16 16.24 31.61 -4.04
C LYS D 16 16.81 30.74 -5.18
N GLU D 17 17.08 29.44 -4.97
CA GLU D 17 17.76 28.57 -5.98
C GLU D 17 17.14 27.18 -6.06
N ASP D 18 17.18 26.60 -7.27
CA ASP D 18 16.68 25.25 -7.60
C ASP D 18 17.61 24.21 -6.98
N VAL D 19 17.05 23.19 -6.34
CA VAL D 19 17.80 21.98 -5.96
C VAL D 19 16.99 20.73 -6.27
N THR D 20 17.65 19.74 -6.87
CA THR D 20 17.08 18.41 -7.21
C THR D 20 17.73 17.34 -6.32
N LEU D 21 16.87 16.59 -5.63
CA LEU D 21 17.20 15.48 -4.73
C LEU D 21 16.90 14.17 -5.45
N ASP D 22 17.98 13.48 -5.84
CA ASP D 22 17.98 12.21 -6.63
C ASP D 22 17.47 11.08 -5.73
N CYS D 23 16.66 10.18 -6.31
CA CYS D 23 16.17 8.92 -5.67
C CYS D 23 15.97 7.82 -6.72
N VAL D 24 16.53 6.62 -6.44
CA VAL D 24 16.50 5.43 -7.35
C VAL D 24 15.92 4.25 -6.59
N TYR D 25 14.98 3.53 -7.19
CA TYR D 25 14.31 2.38 -6.55
C TYR D 25 14.70 1.15 -7.34
N GLU D 26 14.56 -0.01 -6.72
CA GLU D 26 14.84 -1.31 -7.36
C GLU D 26 13.82 -2.30 -6.82
N THR D 27 12.93 -2.79 -7.69
CA THR D 27 11.87 -3.78 -7.35
C THR D 27 11.62 -4.59 -8.61
N ARG D 28 10.98 -5.76 -8.52
CA ARG D 28 10.60 -6.57 -9.73
C ARG D 28 9.07 -6.68 -9.79
N ASP D 29 8.43 -6.51 -8.63
CA ASP D 29 7.01 -6.11 -8.37
C ASP D 29 6.50 -4.98 -9.27
N THR D 30 5.26 -5.05 -9.71
CA THR D 30 4.72 -4.17 -10.79
C THR D 30 3.62 -3.22 -10.29
N ALA D 31 3.21 -3.30 -9.02
CA ALA D 31 2.09 -2.55 -8.39
C ALA D 31 2.61 -1.81 -7.16
N TYR D 32 3.65 -1.02 -7.39
CA TYR D 32 4.34 -0.19 -6.36
C TYR D 32 3.79 1.25 -6.40
N TYR D 33 3.89 1.85 -5.21
CA TYR D 33 3.73 3.30 -4.97
C TYR D 33 5.08 3.80 -4.48
N LEU D 34 5.59 4.89 -5.05
CA LEU D 34 6.77 5.62 -4.50
C LEU D 34 6.30 6.82 -3.66
N PHE D 35 6.99 7.16 -2.58
CA PHE D 35 6.72 8.32 -1.69
C PHE D 35 7.94 9.20 -1.47
N TRP D 36 7.72 10.46 -1.11
CA TRP D 36 8.70 11.32 -0.42
C TRP D 36 8.12 11.84 0.89
N TYR D 37 8.96 11.86 1.92
CA TYR D 37 8.74 12.42 3.27
C TYR D 37 9.80 13.52 3.54
N LYS D 38 9.44 14.51 4.36
CA LYS D 38 10.34 15.58 4.86
C LYS D 38 10.44 15.41 6.36
N GLN D 39 11.66 15.60 6.89
CA GLN D 39 11.95 15.60 8.35
C GLN D 39 12.76 16.83 8.71
N PRO D 40 12.11 17.95 9.08
CA PRO D 40 12.84 19.14 9.49
C PRO D 40 13.61 18.90 10.79
N PRO D 41 14.47 19.86 11.21
CA PRO D 41 15.17 19.79 12.49
C PRO D 41 14.35 19.23 13.67
N SER D 42 13.04 19.44 13.65
CA SER D 42 12.07 19.11 14.73
C SER D 42 12.00 17.61 14.95
N GLY D 43 12.22 16.82 13.89
CA GLY D 43 12.23 15.36 13.96
C GLY D 43 11.04 14.74 13.26
N GLU D 44 9.88 15.40 13.29
CA GLU D 44 8.65 14.73 12.82
C GLU D 44 8.80 14.47 11.32
N LEU D 45 7.98 13.55 10.84
CA LEU D 45 8.07 13.00 9.47
C LEU D 45 6.77 13.30 8.76
N VAL D 46 6.88 14.07 7.69
CA VAL D 46 5.73 14.69 6.99
C VAL D 46 5.64 14.06 5.60
N PHE D 47 4.49 13.45 5.27
CA PHE D 47 4.17 13.00 3.88
C PHE D 47 4.28 14.18 2.90
N LEU D 48 4.88 14.05 1.72
CA LEU D 48 4.92 15.15 0.70
C LEU D 48 4.12 14.75 -0.53
N ILE D 49 4.45 13.60 -1.10
CA ILE D 49 3.78 13.12 -2.35
C ILE D 49 3.88 11.60 -2.48
N ARG D 50 2.96 11.05 -3.26
CA ARG D 50 2.95 9.65 -3.73
C ARG D 50 2.87 9.65 -5.26
N GLN D 51 3.75 8.93 -5.94
CA GLN D 51 3.57 8.55 -7.36
C GLN D 51 3.29 7.06 -7.43
N PRO D 52 2.20 6.62 -8.10
CA PRO D 52 1.91 5.21 -8.24
C PRO D 52 2.52 4.71 -9.56
N TRP D 53 2.60 3.39 -9.72
CA TRP D 53 3.32 2.77 -10.86
C TRP D 53 2.77 3.25 -12.21
N TRP D 54 1.46 3.47 -12.27
CA TRP D 54 0.68 3.74 -13.51
C TRP D 54 0.70 5.23 -13.83
N GLY D 55 1.36 6.00 -12.98
CA GLY D 55 1.25 7.46 -12.93
C GLY D 55 1.89 8.12 -14.13
N GLU D 56 1.52 9.36 -14.40
CA GLU D 56 2.15 10.24 -15.42
C GLU D 56 3.49 10.71 -14.80
N GLN D 57 4.40 11.16 -15.65
CA GLN D 57 5.83 11.46 -15.33
C GLN D 57 5.92 12.65 -14.34
N ASN D 58 5.43 13.83 -14.74
CA ASN D 58 5.48 15.09 -13.95
C ASN D 58 4.39 15.15 -12.87
N GLU D 59 4.69 15.85 -11.79
CA GLU D 59 3.75 16.12 -10.67
C GLU D 59 4.24 17.39 -9.98
N ILE D 60 3.63 18.55 -10.30
CA ILE D 60 3.88 19.89 -9.67
C ILE D 60 3.00 20.02 -8.41
N SER D 61 3.39 20.84 -7.42
CA SER D 61 2.65 21.03 -6.14
C SER D 61 3.25 22.18 -5.33
N GLY D 62 2.88 23.42 -5.66
CA GLY D 62 3.58 24.62 -5.19
C GLY D 62 5.00 24.62 -5.72
N ARG D 63 5.97 24.93 -4.84
CA ARG D 63 7.39 25.17 -5.22
C ARG D 63 8.05 23.81 -5.44
N TYR D 64 7.35 22.76 -4.98
CA TYR D 64 7.73 21.32 -5.07
C TYR D 64 7.30 20.76 -6.43
N SER D 65 8.24 20.22 -7.23
CA SER D 65 7.98 19.33 -8.41
C SER D 65 8.82 18.02 -8.35
N TRP D 66 8.24 16.94 -8.88
CA TRP D 66 8.85 15.57 -8.91
C TRP D 66 8.85 15.04 -10.32
N ASN D 67 9.83 14.20 -10.65
CA ASN D 67 10.03 13.66 -12.02
C ASN D 67 10.27 12.15 -12.00
N PHE D 68 9.22 11.39 -12.32
CA PHE D 68 9.11 9.91 -12.28
C PHE D 68 9.50 9.33 -13.64
N GLN D 69 10.55 8.52 -13.67
CA GLN D 69 11.09 7.92 -14.92
C GLN D 69 11.16 6.42 -14.70
N LYS D 70 10.15 5.68 -15.16
CA LYS D 70 10.04 4.23 -14.83
C LYS D 70 11.17 3.48 -15.57
N SER D 71 11.50 3.87 -16.80
CA SER D 71 12.49 3.12 -17.62
C SER D 71 13.84 3.01 -16.88
N THR D 72 14.19 3.99 -16.04
CA THR D 72 15.50 4.17 -15.35
C THR D 72 15.33 4.13 -13.82
N SER D 73 14.13 3.83 -13.33
CA SER D 73 13.80 3.65 -11.89
C SER D 73 14.28 4.83 -11.03
N SER D 74 14.08 6.06 -11.50
CA SER D 74 14.40 7.29 -10.73
C SER D 74 13.13 8.10 -10.44
N PHE D 75 13.06 8.72 -9.26
CA PHE D 75 11.93 9.56 -8.78
C PHE D 75 12.48 10.80 -8.09
N ASN D 76 13.06 11.73 -8.85
CA ASN D 76 13.87 12.87 -8.34
C ASN D 76 12.91 14.02 -7.96
N PHE D 77 13.24 14.70 -6.86
CA PHE D 77 12.46 15.80 -6.22
C PHE D 77 13.18 17.12 -6.52
N THR D 78 12.49 18.09 -7.12
CA THR D 78 13.04 19.45 -7.37
C THR D 78 12.36 20.48 -6.47
N ILE D 79 13.13 21.42 -5.97
CA ILE D 79 12.62 22.58 -5.22
C ILE D 79 13.05 23.80 -6.02
N THR D 80 12.09 24.61 -6.46
CA THR D 80 12.30 25.96 -7.06
C THR D 80 12.24 26.97 -5.90
N ALA D 81 13.01 28.07 -6.00
CA ALA D 81 13.02 29.16 -5.02
C ALA D 81 13.25 28.60 -3.62
N SER D 82 14.29 27.77 -3.44
CA SER D 82 14.69 27.19 -2.13
C SER D 82 14.68 28.29 -1.05
N GLN D 83 13.95 28.03 0.03
CA GLN D 83 13.97 28.96 1.19
C GLN D 83 14.60 28.18 2.34
N VAL D 84 15.39 28.84 3.20
CA VAL D 84 16.11 28.12 4.28
C VAL D 84 15.15 27.16 4.97
N VAL D 85 13.90 27.57 5.16
CA VAL D 85 12.88 26.65 5.75
C VAL D 85 13.07 25.25 5.17
N ASP D 86 13.17 25.16 3.85
CA ASP D 86 13.29 23.84 3.18
C ASP D 86 14.47 23.04 3.75
N SER D 87 15.44 23.70 4.39
CA SER D 87 16.54 22.95 5.04
C SER D 87 15.93 21.79 5.83
N ALA D 88 16.48 20.58 5.70
CA ALA D 88 15.86 19.38 6.32
C ALA D 88 16.56 18.09 5.89
N VAL D 89 16.06 16.95 6.41
CA VAL D 89 16.34 15.58 5.85
C VAL D 89 15.09 15.09 5.12
N TYR D 90 15.28 14.71 3.84
CA TYR D 90 14.25 14.28 2.87
C TYR D 90 14.46 12.80 2.56
N PHE D 91 13.36 12.05 2.64
CA PHE D 91 13.34 10.58 2.61
C PHE D 91 12.46 10.10 1.45
N CYS D 92 13.07 9.42 0.50
CA CYS D 92 12.38 8.69 -0.58
C CYS D 92 12.00 7.31 -0.04
N ALA D 93 10.92 6.74 -0.54
CA ALA D 93 10.42 5.43 -0.05
C ALA D 93 9.51 4.79 -1.10
N MET D 94 9.06 3.57 -0.84
CA MET D 94 8.32 2.76 -1.83
C MET D 94 7.53 1.73 -1.04
N SER D 95 6.33 1.38 -1.53
CA SER D 95 5.47 0.32 -0.94
C SER D 95 5.09 -0.66 -2.04
N VAL D 96 5.08 -1.94 -1.65
CA VAL D 96 4.74 -3.08 -2.53
C VAL D 96 3.84 -3.96 -1.66
N PRO D 97 2.98 -4.82 -2.25
CA PRO D 97 2.24 -5.79 -1.47
C PRO D 97 3.24 -6.81 -0.89
N SER D 98 3.11 -7.14 0.40
CA SER D 98 3.92 -8.12 1.14
C SER D 98 3.23 -9.49 1.03
N GLY D 99 3.65 -10.47 1.84
CA GLY D 99 3.18 -11.87 1.84
C GLY D 99 1.66 -12.00 1.93
N ASP D 100 1.07 -11.40 2.97
CA ASP D 100 -0.39 -11.43 3.30
C ASP D 100 -1.19 -10.40 2.47
N GLY D 101 -0.56 -9.66 1.56
CA GLY D 101 -1.24 -8.74 0.61
C GLY D 101 -1.15 -7.27 1.06
N SER D 102 -0.99 -7.04 2.37
CA SER D 102 -0.80 -5.72 3.02
C SER D 102 0.39 -4.99 2.40
N TYR D 103 0.20 -3.72 2.01
CA TYR D 103 1.30 -2.89 1.46
C TYR D 103 2.29 -2.59 2.60
N GLN D 104 3.60 -2.68 2.31
CA GLN D 104 4.68 -2.46 3.34
C GLN D 104 5.87 -1.73 2.70
N PHE D 105 6.66 -1.07 3.54
CA PHE D 105 7.51 0.06 3.09
C PHE D 105 9.01 -0.29 3.12
N THR D 106 9.74 0.37 2.21
CA THR D 106 11.22 0.36 2.09
C THR D 106 11.67 1.83 1.96
N PHE D 107 12.52 2.32 2.87
CA PHE D 107 13.02 3.71 2.90
C PHE D 107 14.47 3.77 2.43
N GLY D 108 14.79 4.73 1.56
CA GLY D 108 16.16 5.26 1.43
C GLY D 108 16.70 5.75 2.75
N LYS D 109 17.96 6.16 2.81
CA LYS D 109 18.64 6.47 4.09
C LYS D 109 18.61 7.97 4.34
N GLY D 110 18.16 8.75 3.35
CA GLY D 110 17.93 10.19 3.48
C GLY D 110 19.01 11.03 2.82
N THR D 111 18.58 12.15 2.26
CA THR D 111 19.42 13.27 1.80
C THR D 111 19.26 14.39 2.83
N LYS D 112 20.35 15.01 3.28
CA LYS D 112 20.34 16.17 4.20
C LYS D 112 20.53 17.45 3.40
N LEU D 113 19.47 18.25 3.32
CA LEU D 113 19.45 19.54 2.57
C LEU D 113 19.71 20.67 3.56
N SER D 114 20.77 21.43 3.29
CA SER D 114 21.11 22.74 3.89
C SER D 114 20.91 23.85 2.86
N VAL D 115 19.85 24.68 3.06
CA VAL D 115 19.57 25.96 2.36
C VAL D 115 20.01 27.12 3.28
N ILE D 116 21.05 27.84 2.84
CA ILE D 116 21.90 28.79 3.63
C ILE D 116 21.67 30.20 3.08
N PRO D 117 21.59 31.26 3.93
CA PRO D 117 21.09 32.56 3.49
C PRO D 117 22.00 33.18 2.42
N ASN D 118 21.56 34.32 1.90
CA ASN D 118 22.28 35.09 0.87
C ASN D 118 22.75 36.38 1.54
N ILE D 119 24.02 36.40 1.98
CA ILE D 119 24.61 37.47 2.82
C ILE D 119 25.10 38.62 1.94
N GLN D 120 24.21 39.59 1.67
CA GLN D 120 24.39 40.68 0.67
C GLN D 120 25.32 41.76 1.22
N ASN D 121 25.96 41.56 2.37
CA ASN D 121 27.02 42.45 2.89
C ASN D 121 27.78 41.74 4.01
N PRO D 122 28.73 40.84 3.68
CA PRO D 122 29.56 40.20 4.70
C PRO D 122 30.37 41.26 5.46
N ASP D 123 30.53 41.08 6.78
CA ASP D 123 31.50 41.83 7.63
C ASP D 123 32.07 40.86 8.67
N PRO D 124 32.81 39.80 8.25
CA PRO D 124 33.21 38.72 9.17
C PRO D 124 34.19 39.28 10.20
N ALA D 125 34.05 38.87 11.47
CA ALA D 125 34.93 39.29 12.60
C ALA D 125 34.52 38.52 13.85
N VAL D 126 35.33 38.66 14.90
CA VAL D 126 35.06 37.89 16.15
C VAL D 126 34.89 38.86 17.31
N TYR D 127 34.34 38.37 18.42
CA TYR D 127 34.10 39.23 19.59
C TYR D 127 34.29 38.41 20.86
N GLN D 128 34.77 39.05 21.91
CA GLN D 128 34.92 38.35 23.20
C GLN D 128 33.69 38.65 24.05
N LEU D 129 32.99 37.63 24.49
CA LEU D 129 31.79 37.82 25.34
C LEU D 129 32.12 37.44 26.78
N ARG D 130 32.00 38.40 27.69
CA ARG D 130 32.23 38.19 29.15
C ARG D 130 30.96 37.54 29.72
N ASP D 131 31.11 36.56 30.63
CA ASP D 131 29.99 35.97 31.42
C ASP D 131 29.26 37.11 32.16
N SER D 132 27.93 37.03 32.17
CA SER D 132 27.00 37.94 32.88
C SER D 132 27.35 37.94 34.36
N LYS D 133 27.87 36.81 34.91
CA LYS D 133 28.06 36.56 36.37
C LYS D 133 29.55 36.43 36.75
N SER D 134 30.45 37.13 36.05
CA SER D 134 31.79 37.54 36.55
C SER D 134 32.60 36.31 36.95
N SER D 135 32.64 35.30 36.09
CA SER D 135 33.45 34.07 36.29
C SER D 135 34.88 34.30 35.76
N ASP D 136 35.08 35.30 34.89
CA ASP D 136 36.17 35.36 33.88
C ASP D 136 35.89 34.31 32.81
N LYS D 137 34.74 33.64 32.89
CA LYS D 137 34.32 32.71 31.83
C LYS D 137 34.10 33.60 30.61
N SER D 138 34.44 33.09 29.43
CA SER D 138 34.40 33.86 28.17
C SER D 138 34.08 32.91 27.02
N VAL D 139 33.31 33.41 26.06
CA VAL D 139 32.99 32.61 24.84
C VAL D 139 33.31 33.54 23.66
N CYS D 140 33.72 32.97 22.53
CA CYS D 140 34.05 33.78 21.35
C CYS D 140 32.94 33.60 20.30
N LEU D 141 32.59 34.66 19.59
CA LEU D 141 31.50 34.59 18.60
C LEU D 141 32.05 35.01 17.24
N PHE D 142 32.14 34.08 16.29
CA PHE D 142 32.38 34.37 14.84
C PHE D 142 31.02 34.58 14.17
N THR D 143 30.75 35.78 13.66
CA THR D 143 29.40 36.18 13.18
C THR D 143 29.55 36.98 11.88
N ASP D 144 28.41 37.33 11.26
CA ASP D 144 28.31 38.21 10.06
C ASP D 144 29.24 37.73 8.94
N PHE D 145 29.52 36.42 8.86
CA PHE D 145 30.46 35.86 7.83
C PHE D 145 29.68 35.35 6.62
N ASP D 146 30.42 35.26 5.51
CA ASP D 146 30.01 34.65 4.22
C ASP D 146 29.23 33.36 4.46
N SER D 147 28.28 33.02 3.59
CA SER D 147 27.55 31.72 3.65
C SER D 147 28.39 30.59 3.05
N GLN D 148 29.39 30.89 2.19
CA GLN D 148 30.31 29.89 1.55
C GLN D 148 31.40 29.42 2.53
N THR D 149 32.04 30.33 3.28
CA THR D 149 33.10 30.00 4.27
C THR D 149 32.54 28.99 5.30
N ASN D 150 33.42 28.22 5.96
CA ASN D 150 33.04 27.01 6.76
C ASN D 150 33.86 26.86 8.05
N VAL D 151 33.33 26.12 9.03
CA VAL D 151 33.91 26.05 10.41
C VAL D 151 34.64 24.71 10.64
N SER D 152 35.81 24.79 11.31
CA SER D 152 36.64 23.68 11.86
C SER D 152 37.34 24.16 13.16
N GLN D 153 38.31 23.39 13.69
CA GLN D 153 38.91 23.51 15.07
C GLN D 153 40.46 23.51 14.96
N SER D 154 41.21 23.79 16.05
CA SER D 154 42.68 24.07 16.01
C SER D 154 43.48 23.51 17.22
N LYS D 155 42.95 23.64 18.45
CA LYS D 155 43.59 23.24 19.74
C LYS D 155 42.60 22.37 20.54
N ASP D 156 42.47 21.06 20.28
CA ASP D 156 41.48 20.15 20.93
C ASP D 156 41.69 20.17 22.47
N SER D 157 40.61 19.98 23.25
CA SER D 157 40.56 19.97 24.75
C SER D 157 41.91 20.34 25.39
N VAL D 159 39.24 22.81 23.49
CA VAL D 159 38.47 23.89 22.79
C VAL D 159 37.38 23.26 21.89
N TYR D 160 36.21 23.93 21.85
CA TYR D 160 34.97 23.48 21.17
C TYR D 160 34.48 24.60 20.25
N ILE D 161 33.91 24.20 19.13
CA ILE D 161 33.32 25.09 18.09
C ILE D 161 32.00 24.45 17.68
N THR D 162 30.93 25.23 17.77
CA THR D 162 29.56 24.86 17.37
C THR D 162 29.65 24.81 15.84
N ASP D 163 28.60 24.35 15.16
CA ASP D 163 28.51 24.54 13.68
C ASP D 163 28.03 25.97 13.39
N LYS D 164 27.81 26.27 12.11
CA LYS D 164 27.20 27.54 11.69
C LYS D 164 25.73 27.45 12.10
N CYS D 165 25.09 28.60 12.18
CA CYS D 165 23.70 28.71 12.69
C CYS D 165 23.07 29.98 12.11
N VAL D 166 22.05 29.80 11.28
CA VAL D 166 21.34 30.94 10.61
C VAL D 166 20.34 31.52 11.60
N LEU D 167 20.36 32.84 11.75
CA LEU D 167 19.57 33.64 12.72
C LEU D 167 18.90 34.80 11.96
N ASP D 168 17.61 35.01 12.18
CA ASP D 168 16.76 35.99 11.45
C ASP D 168 16.17 36.97 12.47
N MET D 169 16.56 38.24 12.41
CA MET D 169 15.78 39.33 13.04
C MET D 169 14.69 39.78 12.04
N ARG D 170 13.47 39.21 12.10
CA ARG D 170 12.37 39.42 11.09
C ARG D 170 12.04 40.91 11.00
N SER D 171 11.98 41.60 12.15
CA SER D 171 11.81 43.08 12.30
C SER D 171 12.71 43.83 11.30
N MET D 172 14.03 43.58 11.35
CA MET D 172 15.08 44.33 10.61
C MET D 172 15.24 43.80 9.16
N ASP D 173 14.63 42.65 8.81
CA ASP D 173 14.75 41.94 7.51
C ASP D 173 16.24 41.69 7.20
N PHE D 174 16.93 40.95 8.06
CA PHE D 174 18.42 40.77 8.07
C PHE D 174 18.77 39.38 8.61
N LYS D 175 19.40 38.56 7.76
CA LYS D 175 19.96 37.24 8.15
C LYS D 175 21.45 37.42 8.52
N SER D 176 21.96 36.56 9.41
CA SER D 176 23.35 36.55 9.90
C SER D 176 23.79 35.10 10.12
N ASN D 177 25.05 34.78 9.83
CA ASN D 177 25.66 33.47 10.19
C ASN D 177 26.33 33.62 11.55
N SER D 178 26.44 32.53 12.29
CA SER D 178 26.97 32.53 13.66
C SER D 178 27.55 31.15 14.02
N ALA D 179 28.78 31.18 14.53
CA ALA D 179 29.43 30.03 15.20
C ALA D 179 30.07 30.57 16.48
N VAL D 180 30.03 29.76 17.54
CA VAL D 180 30.49 30.13 18.91
C VAL D 180 31.67 29.22 19.23
N ALA D 181 32.63 29.72 20.00
CA ALA D 181 33.80 28.95 20.45
C ALA D 181 34.05 29.28 21.91
N TRP D 182 34.34 28.27 22.73
CA TRP D 182 34.83 28.42 24.13
C TRP D 182 35.83 27.32 24.47
N SER D 183 36.91 27.68 25.15
CA SER D 183 37.86 26.71 25.74
C SER D 183 37.51 26.60 27.22
N ASN D 184 38.24 25.76 27.96
CA ASN D 184 38.22 25.72 29.45
C ASN D 184 39.40 26.55 29.97
N LYS D 185 40.57 26.52 29.32
CA LYS D 185 41.84 27.15 29.79
C LYS D 185 41.60 27.89 31.12
N ALA D 189 42.24 32.37 23.87
CA ALA D 189 42.53 33.30 22.76
C ALA D 189 41.28 33.43 21.88
N CYS D 190 40.56 34.54 22.00
CA CYS D 190 39.29 34.65 21.23
C CYS D 190 39.64 34.54 19.75
N ALA D 191 40.58 35.35 19.27
CA ALA D 191 41.01 35.18 17.87
C ALA D 191 42.01 34.03 17.87
N ASN D 192 42.71 33.81 16.76
CA ASN D 192 43.49 32.56 16.59
C ASN D 192 42.56 31.37 16.84
N ALA D 193 41.31 31.51 16.40
CA ALA D 193 40.35 30.39 16.52
C ALA D 193 39.65 30.27 15.16
N PHE D 194 39.05 29.12 14.88
CA PHE D 194 38.26 28.99 13.61
C PHE D 194 39.19 28.82 12.39
N ASN D 195 40.50 28.88 12.63
CA ASN D 195 41.49 28.75 11.53
C ASN D 195 41.43 27.32 10.98
N MET E 1 -8.28 18.13 12.86
CA MET E 1 -9.55 17.38 13.06
C MET E 1 -9.22 16.12 13.87
N ASN E 2 -8.08 15.50 13.58
CA ASN E 2 -7.60 14.23 14.19
C ASN E 2 -6.22 14.46 14.79
N ALA E 3 -5.91 13.93 15.97
CA ALA E 3 -4.57 14.08 16.58
C ALA E 3 -3.49 13.44 15.67
N GLY E 4 -3.77 12.26 15.11
CA GLY E 4 -2.81 11.47 14.30
C GLY E 4 -2.17 10.39 15.15
N VAL E 5 -0.84 10.37 15.24
CA VAL E 5 -0.11 9.33 16.01
C VAL E 5 0.53 9.98 17.24
N THR E 6 0.21 9.48 18.44
CA THR E 6 0.74 10.07 19.70
C THR E 6 1.69 9.06 20.35
N GLN E 7 2.84 9.52 20.83
CA GLN E 7 3.87 8.59 21.39
C GLN E 7 4.30 9.04 22.78
N THR E 8 4.35 8.13 23.74
CA THR E 8 4.87 8.47 25.09
C THR E 8 5.83 7.35 25.50
N PRO E 9 7.00 7.66 26.09
CA PRO E 9 7.34 9.03 26.44
C PRO E 9 7.99 9.78 25.27
N LYS E 10 8.58 10.94 25.54
CA LYS E 10 9.29 11.71 24.49
C LYS E 10 10.78 11.62 24.80
N PHE E 11 11.11 11.61 26.09
CA PHE E 11 12.52 11.43 26.54
C PHE E 11 12.59 10.34 27.61
N ARG E 12 13.65 9.54 27.63
CA ARG E 12 13.82 8.56 28.72
C ARG E 12 15.26 8.07 28.76
N VAL E 13 15.71 7.78 29.97
CA VAL E 13 17.09 7.35 30.25
C VAL E 13 16.95 6.15 31.18
N LEU E 14 17.30 4.95 30.73
CA LEU E 14 17.42 3.77 31.62
C LEU E 14 18.86 3.57 32.11
N LYS E 15 19.04 2.64 33.05
CA LYS E 15 20.31 1.91 33.31
C LYS E 15 20.21 0.60 32.52
N THR E 16 21.33 0.15 31.96
CA THR E 16 21.47 -1.20 31.31
C THR E 16 20.68 -2.19 32.18
N GLY E 17 19.78 -2.96 31.57
CA GLY E 17 19.12 -4.11 32.24
C GLY E 17 17.80 -3.73 32.89
N GLN E 18 17.55 -2.44 33.14
CA GLN E 18 16.19 -1.89 33.45
C GLN E 18 15.29 -2.16 32.24
N SER E 19 13.96 -2.05 32.40
CA SER E 19 12.93 -2.29 31.36
C SER E 19 12.01 -1.06 31.24
N MET E 20 11.21 -1.00 30.18
CA MET E 20 10.26 0.14 29.97
C MET E 20 9.30 -0.18 28.81
N THR E 21 8.17 0.53 28.77
CA THR E 21 7.18 0.40 27.69
C THR E 21 6.98 1.79 27.07
N LEU E 22 7.28 1.92 25.77
CA LEU E 22 6.88 3.07 24.92
C LEU E 22 5.44 2.83 24.46
N LEU E 23 4.56 3.80 24.69
CA LEU E 23 3.13 3.63 24.30
C LEU E 23 2.82 4.48 23.07
N CYS E 24 2.03 3.94 22.15
CA CYS E 24 1.63 4.68 20.93
C CYS E 24 0.15 4.47 20.66
N ALA E 25 -0.61 5.55 20.55
CA ALA E 25 -2.06 5.49 20.21
C ALA E 25 -2.32 6.35 18.97
N GLN E 26 -3.28 5.89 18.16
CA GLN E 26 -3.74 6.52 16.88
C GLN E 26 -5.27 6.56 16.86
N ASP E 27 -5.83 7.70 16.46
CA ASP E 27 -7.26 8.06 16.62
C ASP E 27 -7.93 8.05 15.26
N MET E 28 -7.30 7.41 14.26
CA MET E 28 -7.72 7.45 12.84
C MET E 28 -8.25 6.07 12.41
N ASN E 29 -8.44 5.14 13.35
CA ASN E 29 -9.06 3.82 13.05
C ASN E 29 -8.18 3.01 12.05
N HIS E 30 -6.87 3.25 12.04
CA HIS E 30 -5.91 2.55 11.15
C HIS E 30 -5.78 1.05 11.53
N GLU E 31 -5.61 0.17 10.54
CA GLU E 31 -5.52 -1.29 10.77
C GLU E 31 -4.04 -1.65 11.06
N TYR E 32 -3.09 -1.17 10.27
CA TYR E 32 -1.65 -1.44 10.43
C TYR E 32 -1.09 -0.41 11.42
N MET E 33 -0.12 -0.80 12.25
CA MET E 33 0.74 0.08 13.09
C MET E 33 2.15 -0.52 13.16
N TYR E 34 3.13 0.33 13.41
CA TYR E 34 4.57 0.05 13.23
C TYR E 34 5.38 0.74 14.32
N TRP E 35 6.55 0.14 14.59
CA TRP E 35 7.52 0.73 15.53
C TRP E 35 8.89 0.72 14.84
N TYR E 36 9.46 1.87 14.51
CA TYR E 36 10.76 2.09 13.84
C TYR E 36 11.73 2.64 14.87
N ARG E 37 13.02 2.33 14.73
CA ARG E 37 14.12 3.12 15.33
C ARG E 37 14.76 3.90 14.19
N GLN E 38 15.47 4.96 14.55
CA GLN E 38 16.18 5.84 13.59
C GLN E 38 17.53 6.25 14.15
N ASP E 39 18.59 5.86 13.44
CA ASP E 39 19.99 6.02 13.88
C ASP E 39 20.79 6.65 12.74
N PRO E 40 21.73 7.58 13.07
CA PRO E 40 22.79 8.01 12.15
C PRO E 40 23.35 6.88 11.24
N GLY E 41 23.18 7.06 9.92
CA GLY E 41 23.77 6.21 8.88
C GLY E 41 22.89 5.03 8.53
N MET E 42 21.88 4.75 9.35
CA MET E 42 21.01 3.55 9.18
C MET E 42 19.62 3.99 8.70
N GLY E 43 19.29 5.29 8.76
CA GLY E 43 17.92 5.77 8.55
C GLY E 43 16.93 4.97 9.39
N LEU E 44 15.82 4.57 8.76
CA LEU E 44 14.58 4.06 9.43
C LEU E 44 14.50 2.52 9.35
N ARG E 45 14.69 1.85 10.49
CA ARG E 45 14.60 0.37 10.61
C ARG E 45 13.36 -0.03 11.42
N LEU E 46 12.47 -0.83 10.81
CA LEU E 46 11.25 -1.36 11.44
C LEU E 46 11.63 -2.38 12.54
N ILE E 47 11.08 -2.26 13.76
CA ILE E 47 11.39 -3.21 14.86
C ILE E 47 10.34 -4.32 14.93
N HIS E 48 9.08 -3.95 15.08
CA HIS E 48 7.91 -4.86 14.90
C HIS E 48 6.77 -4.09 14.24
N TYR E 49 5.75 -4.83 13.82
CA TYR E 49 4.55 -4.26 13.14
C TYR E 49 3.35 -5.13 13.47
N SER E 50 2.19 -4.67 13.02
CA SER E 50 0.88 -5.30 13.27
C SER E 50 -0.07 -4.88 12.16
N VAL E 51 -0.65 -5.82 11.44
CA VAL E 51 -1.70 -5.55 10.43
C VAL E 51 -3.10 -5.54 11.09
N GLY E 52 -3.26 -5.99 12.34
CA GLY E 52 -4.58 -6.02 13.01
C GLY E 52 -4.52 -6.29 14.50
N GLU E 53 -5.59 -5.91 15.20
CA GLU E 53 -5.85 -6.16 16.64
C GLU E 53 -5.52 -7.64 16.92
N GLY E 54 -4.73 -7.94 17.96
CA GLY E 54 -4.39 -9.31 18.41
C GLY E 54 -3.09 -9.84 17.78
N THR E 55 -2.82 -9.50 16.53
CA THR E 55 -1.69 -10.07 15.78
C THR E 55 -0.56 -9.04 15.74
N THR E 56 0.68 -9.52 15.73
CA THR E 56 1.94 -8.74 15.51
C THR E 56 2.97 -9.64 14.81
N ALA E 57 3.95 -9.02 14.17
CA ALA E 57 4.92 -9.68 13.27
C ALA E 57 6.29 -9.02 13.45
N LYS E 58 7.33 -9.85 13.36
CA LYS E 58 8.74 -9.41 13.43
C LYS E 58 9.05 -8.56 12.19
N GLY E 59 9.80 -7.48 12.42
CA GLY E 59 10.29 -6.59 11.36
C GLY E 59 11.71 -6.94 11.00
N GLU E 60 12.54 -5.92 10.80
CA GLU E 60 13.95 -6.02 10.37
C GLU E 60 14.86 -6.14 11.61
N VAL E 61 14.53 -5.60 12.78
CA VAL E 61 15.45 -5.61 13.95
C VAL E 61 14.70 -5.91 15.23
N PRO E 62 13.86 -6.97 15.25
CA PRO E 62 13.15 -7.41 16.45
C PRO E 62 14.00 -7.71 17.69
N ASP E 63 15.17 -8.35 17.53
CA ASP E 63 15.88 -8.90 18.71
C ASP E 63 16.05 -7.75 19.73
N GLY E 64 15.67 -8.00 20.98
CA GLY E 64 15.77 -7.06 22.11
C GLY E 64 14.42 -6.44 22.45
N TYR E 65 13.42 -6.57 21.57
CA TYR E 65 12.09 -5.90 21.65
C TYR E 65 10.94 -6.91 21.65
N ASN E 66 9.92 -6.69 22.49
CA ASN E 66 8.56 -7.30 22.34
C ASN E 66 7.53 -6.19 22.05
N VAL E 67 6.33 -6.57 21.56
CA VAL E 67 5.19 -5.68 21.22
C VAL E 67 3.85 -6.32 21.57
N SER E 68 2.83 -5.54 21.88
CA SER E 68 1.42 -6.00 21.97
C SER E 68 0.51 -5.04 21.20
N ARG E 69 -0.35 -5.60 20.35
CA ARG E 69 -1.49 -4.89 19.73
C ARG E 69 -2.75 -5.42 20.40
N LEU E 70 -2.92 -5.12 21.68
CA LEU E 70 -4.10 -5.66 22.42
C LEU E 70 -5.38 -5.04 21.84
N LYS E 71 -5.39 -3.70 21.66
CA LYS E 71 -6.50 -2.96 20.98
C LYS E 71 -5.95 -2.30 19.71
N LYS E 72 -6.82 -2.16 18.69
CA LYS E 72 -6.57 -1.46 17.40
C LYS E 72 -5.92 -0.12 17.71
N GLN E 73 -6.44 0.57 18.72
CA GLN E 73 -6.09 1.97 19.07
C GLN E 73 -4.58 2.09 19.29
N ASN E 74 -4.01 1.22 20.14
CA ASN E 74 -2.61 1.38 20.62
C ASN E 74 -1.77 0.15 20.26
N PHE E 75 -0.46 0.40 20.20
CA PHE E 75 0.61 -0.57 19.87
C PHE E 75 1.78 -0.36 20.85
N LEU E 76 2.05 -1.34 21.71
CA LEU E 76 3.01 -1.18 22.83
C LEU E 76 4.36 -1.75 22.41
N LEU E 77 5.43 -1.01 22.68
CA LEU E 77 6.83 -1.46 22.50
C LEU E 77 7.46 -1.64 23.88
N GLY E 78 7.89 -2.86 24.18
CA GLY E 78 8.56 -3.21 25.44
C GLY E 78 10.01 -3.57 25.22
N LEU E 79 10.90 -2.88 25.93
CA LEU E 79 12.30 -3.28 26.18
C LEU E 79 12.35 -4.06 27.49
N GLU E 80 12.49 -5.40 27.44
CA GLU E 80 12.54 -6.18 28.70
C GLU E 80 13.88 -5.89 29.40
N SER E 81 14.98 -5.77 28.62
CA SER E 81 16.37 -5.60 29.14
C SER E 81 17.14 -4.57 28.32
N ALA E 82 17.31 -3.38 28.88
CA ALA E 82 17.85 -2.23 28.14
C ALA E 82 19.33 -2.50 27.91
N ALA E 83 19.76 -2.41 26.64
CA ALA E 83 21.17 -2.36 26.16
C ALA E 83 21.51 -0.94 25.71
N PRO E 84 22.76 -0.50 25.88
CA PRO E 84 23.24 0.73 25.22
C PRO E 84 22.98 0.77 23.71
N SER E 85 22.98 -0.39 23.06
CA SER E 85 22.74 -0.50 21.61
C SER E 85 21.40 0.16 21.26
N GLN E 86 20.47 0.19 22.22
CA GLN E 86 19.04 0.53 21.97
C GLN E 86 18.79 2.02 22.25
N THR E 87 19.81 2.71 22.78
CA THR E 87 19.92 4.19 22.71
C THR E 87 19.51 4.61 21.31
N SER E 88 18.47 5.42 21.13
CA SER E 88 17.96 5.71 19.77
C SER E 88 16.80 6.72 19.81
N VAL E 89 16.20 6.91 18.65
CA VAL E 89 14.93 7.65 18.48
C VAL E 89 13.90 6.66 17.95
N TYR E 90 12.87 6.40 18.75
CA TYR E 90 11.83 5.44 18.34
C TYR E 90 10.65 6.22 17.76
N PHE E 91 10.09 5.72 16.66
CA PHE E 91 8.99 6.42 15.98
C PHE E 91 7.84 5.45 15.75
N CYS E 92 6.67 5.73 16.33
CA CYS E 92 5.49 4.88 16.04
C CYS E 92 4.93 5.32 14.69
N ALA E 93 4.23 4.42 14.02
CA ALA E 93 3.63 4.72 12.70
C ALA E 93 2.36 3.91 12.50
N SER E 94 1.38 4.46 11.82
CA SER E 94 0.15 3.71 11.45
C SER E 94 -0.09 3.88 9.96
N LYS E 95 -0.99 3.08 9.41
CA LYS E 95 -1.38 3.06 7.99
C LYS E 95 -2.80 2.51 7.94
N VAL E 96 -3.63 3.10 7.09
CA VAL E 96 -5.11 2.83 7.02
C VAL E 96 -5.39 1.34 6.90
N GLY E 97 -4.72 0.66 5.97
CA GLY E 97 -5.07 -0.73 5.63
C GLY E 97 -5.62 -0.83 4.20
N PRO E 98 -6.35 -1.92 3.89
CA PRO E 98 -6.65 -2.33 2.51
C PRO E 98 -7.83 -1.60 1.88
N GLY E 99 -8.57 -0.86 2.72
CA GLY E 99 -9.47 0.19 2.24
C GLY E 99 -8.71 1.22 1.43
N GLN E 100 -7.40 1.35 1.64
CA GLN E 100 -6.57 2.39 0.98
C GLN E 100 -5.13 1.87 0.86
N HIS E 101 -4.85 0.95 -0.05
CA HIS E 101 -3.48 0.39 -0.21
C HIS E 101 -2.46 1.51 -0.49
N ASN E 102 -2.89 2.61 -1.12
CA ASN E 102 -1.97 3.70 -1.51
C ASN E 102 -1.64 4.57 -0.30
N SER E 103 -2.38 4.45 0.81
CA SER E 103 -2.10 5.15 2.10
C SER E 103 -0.60 5.21 2.40
N PRO E 104 -0.03 6.41 2.68
CA PRO E 104 1.30 6.55 3.23
C PRO E 104 1.38 6.24 4.73
N LEU E 105 2.57 6.07 5.28
CA LEU E 105 2.71 5.86 6.72
C LEU E 105 2.47 7.22 7.31
N HIS E 106 1.78 7.27 8.45
CA HIS E 106 1.72 8.41 9.39
C HIS E 106 2.64 8.13 10.56
N PHE E 107 3.60 8.99 10.84
CA PHE E 107 4.56 8.86 11.98
C PHE E 107 4.23 9.82 13.15
N GLY E 108 4.54 9.34 14.36
CA GLY E 108 4.41 10.22 15.52
C GLY E 108 5.62 11.15 15.58
N ASN E 109 5.95 11.68 16.75
CA ASN E 109 7.03 12.69 16.81
C ASN E 109 8.34 12.06 17.27
N GLY E 110 8.28 10.93 17.97
CA GLY E 110 9.53 10.23 18.32
C GLY E 110 9.89 10.22 19.77
N THR E 111 10.25 9.04 20.31
CA THR E 111 10.73 8.95 21.71
C THR E 111 12.25 8.87 21.66
N ARG E 112 12.93 9.75 22.41
CA ARG E 112 14.42 9.83 22.46
CA ARG E 112 14.41 9.85 22.47
C ARG E 112 14.83 9.08 23.74
N LEU E 113 15.43 7.89 23.55
CA LEU E 113 15.82 6.95 24.65
C LEU E 113 17.34 6.99 24.70
N THR E 114 17.90 7.05 25.89
CA THR E 114 19.35 6.89 26.13
C THR E 114 19.48 5.85 27.23
N VAL E 115 20.13 4.71 26.93
CA VAL E 115 20.42 3.60 27.92
C VAL E 115 21.87 3.71 28.40
N THR E 116 22.13 3.81 29.70
CA THR E 116 23.52 4.01 30.17
C THR E 116 23.96 3.00 31.25
N GLU E 117 25.21 2.54 31.13
CA GLU E 117 25.90 1.66 32.11
C GLU E 117 25.47 2.03 33.54
N ASP E 118 25.53 3.31 33.90
CA ASP E 118 25.26 3.81 35.28
C ASP E 118 24.56 5.19 35.24
N LEU E 119 23.56 5.38 36.11
CA LEU E 119 22.79 6.64 36.13
C LEU E 119 23.55 7.67 36.97
N ASN E 120 24.82 7.40 37.27
CA ASN E 120 25.61 8.41 38.01
C ASN E 120 26.35 9.27 36.98
N LYS E 121 26.16 8.98 35.69
CA LYS E 121 26.76 9.82 34.63
C LYS E 121 25.70 10.82 34.18
N VAL E 122 24.47 10.66 34.65
CA VAL E 122 23.38 11.63 34.32
C VAL E 122 23.70 12.93 35.04
N PHE E 123 23.74 14.03 34.29
CA PHE E 123 24.12 15.33 34.89
C PHE E 123 23.24 16.43 34.31
N PRO E 124 22.80 17.40 35.13
CA PRO E 124 21.97 18.48 34.65
C PRO E 124 22.85 19.53 33.98
N PRO E 125 22.32 20.44 33.14
CA PRO E 125 23.18 21.40 32.46
C PRO E 125 23.58 22.52 33.43
N GLU E 126 24.74 23.12 33.20
CA GLU E 126 25.16 24.42 33.79
C GLU E 126 24.98 25.49 32.72
N VAL E 127 24.15 26.49 33.07
CA VAL E 127 23.72 27.52 32.11
C VAL E 127 24.36 28.88 32.43
N ALA E 128 24.83 29.54 31.40
CA ALA E 128 25.55 30.81 31.52
C ALA E 128 25.11 31.68 30.36
N VAL E 129 24.74 32.92 30.65
CA VAL E 129 24.55 33.94 29.60
C VAL E 129 25.85 34.75 29.50
N PHE E 130 26.22 35.15 28.29
CA PHE E 130 27.43 35.96 28.04
C PHE E 130 27.00 37.26 27.40
N GLU E 131 27.47 38.39 27.92
CA GLU E 131 26.94 39.71 27.48
C GLU E 131 27.54 40.07 26.13
N PRO E 132 26.84 40.90 25.36
CA PRO E 132 27.33 41.35 24.06
C PRO E 132 28.61 42.20 24.20
N SER E 133 29.50 42.05 23.21
CA SER E 133 30.85 42.66 23.09
C SER E 133 30.70 44.13 22.73
N GLU E 134 31.25 45.02 23.54
CA GLU E 134 30.93 46.46 23.38
C GLU E 134 31.44 46.88 22.02
N ALA E 135 32.28 46.02 21.39
CA ALA E 135 32.90 46.19 20.05
C ALA E 135 31.87 45.87 18.97
N GLU E 136 31.10 44.80 19.18
CA GLU E 136 29.98 44.40 18.29
C GLU E 136 29.08 45.63 18.11
N ILE E 137 28.68 46.26 19.21
CA ILE E 137 27.68 47.38 19.18
C ILE E 137 28.21 48.56 18.34
N SER E 138 29.51 48.88 18.36
CA SER E 138 30.03 50.11 17.70
C SER E 138 30.75 49.76 16.39
N HIS E 139 30.43 48.61 15.82
CA HIS E 139 30.83 48.21 14.45
C HIS E 139 29.57 47.86 13.63
N THR E 140 28.52 47.35 14.27
CA THR E 140 27.28 46.79 13.63
C THR E 140 25.98 47.48 14.08
N GLN E 141 25.91 48.06 15.29
CA GLN E 141 24.65 48.61 15.87
C GLN E 141 23.77 47.44 16.33
N LYS E 142 24.37 46.34 16.76
CA LYS E 142 23.65 45.11 17.16
C LYS E 142 24.35 44.48 18.35
N ALA E 143 23.65 43.61 19.07
CA ALA E 143 24.10 42.97 20.32
C ALA E 143 23.67 41.50 20.32
N THR E 144 24.58 40.61 19.92
CA THR E 144 24.40 39.14 20.04
C THR E 144 24.73 38.78 21.49
N LEU E 145 23.71 38.37 22.25
CA LEU E 145 23.84 37.60 23.52
C LEU E 145 24.09 36.16 23.12
N VAL E 146 24.78 35.41 23.97
CA VAL E 146 25.05 33.96 23.78
C VAL E 146 24.69 33.27 25.08
N CYS E 147 23.97 32.16 24.96
CA CYS E 147 23.73 31.18 26.03
C CYS E 147 24.62 29.96 25.80
N LEU E 148 24.99 29.25 26.87
CA LEU E 148 25.84 28.04 26.85
C LEU E 148 25.40 27.05 27.92
N ALA E 149 24.73 25.98 27.53
CA ALA E 149 24.39 24.89 28.46
C ALA E 149 25.49 23.84 28.30
N THR E 150 26.12 23.43 29.41
CA THR E 150 27.28 22.49 29.40
C THR E 150 27.16 21.44 30.52
N GLY E 151 27.88 20.32 30.35
CA GLY E 151 28.08 19.33 31.42
C GLY E 151 26.91 18.36 31.55
N PHE E 152 26.07 18.24 30.54
CA PHE E 152 24.79 17.51 30.71
C PHE E 152 24.84 16.17 29.98
N TYR E 153 24.00 15.27 30.49
CA TYR E 153 23.84 13.88 30.02
C TYR E 153 22.57 13.33 30.67
N PRO E 154 21.60 12.80 29.89
CA PRO E 154 21.71 12.65 28.44
C PRO E 154 21.65 13.95 27.63
N ASP E 155 21.62 13.84 26.30
CA ASP E 155 21.51 14.99 25.36
C ASP E 155 20.03 15.33 25.14
N HIS E 156 19.25 15.39 26.23
CA HIS E 156 17.78 15.66 26.27
C HIS E 156 17.54 17.04 26.89
N VAL E 157 17.61 18.08 26.08
CA VAL E 157 17.46 19.49 26.54
C VAL E 157 16.65 20.25 25.49
N GLU E 158 15.73 21.10 25.94
CA GLU E 158 15.01 22.11 25.11
C GLU E 158 15.44 23.47 25.63
N LEU E 159 15.99 24.32 24.78
CA LEU E 159 16.48 25.68 25.17
C LEU E 159 15.51 26.78 24.67
N SER E 160 15.42 27.87 25.40
CA SER E 160 14.48 28.95 25.06
C SER E 160 15.00 30.24 25.67
N TRP E 161 14.83 31.34 24.95
CA TRP E 161 15.03 32.72 25.42
C TRP E 161 13.71 33.41 25.84
N TRP E 162 13.83 34.24 26.87
CA TRP E 162 12.75 34.87 27.64
C TRP E 162 13.19 36.31 27.90
N VAL E 163 12.64 37.23 27.09
CA VAL E 163 12.82 38.72 27.20
C VAL E 163 11.62 39.30 27.93
N ASN E 164 11.91 40.09 28.95
CA ASN E 164 10.91 40.63 29.93
C ASN E 164 9.77 39.64 30.14
N GLY E 165 10.08 38.36 30.42
CA GLY E 165 9.14 37.37 30.97
C GLY E 165 8.39 36.57 29.91
N LYS E 166 8.52 36.89 28.61
CA LYS E 166 7.79 36.19 27.52
C LYS E 166 8.76 35.43 26.60
N GLU E 167 8.41 34.23 26.15
CA GLU E 167 9.26 33.49 25.20
C GLU E 167 9.34 34.39 23.95
N VAL E 168 10.50 34.41 23.30
CA VAL E 168 10.77 35.06 21.99
C VAL E 168 11.31 33.99 21.06
N HIS E 169 11.44 34.28 19.78
CA HIS E 169 11.80 33.35 18.69
C HIS E 169 12.53 34.12 17.60
N SER E 170 12.06 35.32 17.29
CA SER E 170 12.79 36.28 16.45
C SER E 170 14.17 36.52 17.06
N GLY E 171 15.21 36.45 16.22
CA GLY E 171 16.60 36.73 16.60
C GLY E 171 17.26 35.56 17.29
N VAL E 172 16.69 34.36 17.20
CA VAL E 172 17.20 33.23 18.00
C VAL E 172 17.77 32.18 17.06
N CYS E 173 19.02 31.79 17.28
CA CYS E 173 19.64 30.56 16.73
C CYS E 173 20.05 29.65 17.88
N THR E 174 19.69 28.37 17.81
CA THR E 174 20.08 27.34 18.81
C THR E 174 20.64 26.16 18.03
N ASP E 175 21.75 25.56 18.46
CA ASP E 175 22.36 24.46 17.66
C ASP E 175 21.28 23.39 17.38
N PRO E 176 21.23 22.82 16.16
CA PRO E 176 20.34 21.70 15.87
C PRO E 176 20.44 20.58 16.94
N GLN E 177 21.64 20.14 17.30
CA GLN E 177 21.80 19.20 18.45
C GLN E 177 23.05 19.52 19.30
N PRO E 178 23.01 19.06 20.57
CA PRO E 178 24.12 19.28 21.47
C PRO E 178 25.33 18.54 20.90
N LEU E 179 26.50 19.14 21.08
CA LEU E 179 27.83 18.60 20.73
C LEU E 179 28.41 17.87 21.95
N LYS E 180 29.35 16.95 21.76
CA LYS E 180 30.01 16.17 22.85
C LYS E 180 31.28 16.88 23.34
N GLU E 181 31.37 17.08 24.66
CA GLU E 181 32.50 17.78 25.33
C GLU E 181 33.75 16.92 25.11
N GLN E 182 33.56 15.60 25.02
CA GLN E 182 34.63 14.61 24.75
C GLN E 182 34.10 13.59 23.76
N PRO E 183 34.19 13.88 22.44
CA PRO E 183 33.59 13.00 21.44
C PRO E 183 34.19 11.58 21.30
N ALA E 184 35.31 11.26 21.95
CA ALA E 184 35.92 9.91 21.92
C ALA E 184 35.22 8.93 22.90
N LEU E 185 34.46 9.46 23.89
CA LEU E 185 33.83 8.68 25.02
C LEU E 185 32.39 8.32 24.67
N ASN E 186 31.96 7.10 25.01
CA ASN E 186 30.58 6.65 24.68
C ASN E 186 29.63 7.18 25.75
N ASP E 187 30.15 7.84 26.79
CA ASP E 187 29.30 8.47 27.83
C ASP E 187 29.70 9.93 28.03
N SER E 188 30.20 10.58 26.99
CA SER E 188 30.51 12.02 27.03
C SER E 188 29.25 12.77 27.46
N ARG E 189 29.49 13.82 28.24
CA ARG E 189 28.55 14.88 28.60
C ARG E 189 28.48 15.84 27.40
N TYR E 190 27.37 16.59 27.27
CA TYR E 190 27.05 17.43 26.09
C TYR E 190 27.08 18.92 26.46
N ALA E 191 27.21 19.74 25.42
CA ALA E 191 27.10 21.21 25.46
C ALA E 191 26.19 21.67 24.30
N LEU E 192 25.40 22.72 24.52
CA LEU E 192 24.54 23.33 23.49
C LEU E 192 24.68 24.85 23.58
N SER E 193 24.87 25.54 22.47
CA SER E 193 24.90 27.02 22.42
C SER E 193 23.60 27.60 21.83
N SER E 194 23.20 28.81 22.23
CA SER E 194 22.15 29.57 21.53
C SER E 194 22.54 31.03 21.46
N ARG E 195 22.07 31.75 20.44
CA ARG E 195 22.35 33.20 20.27
C ARG E 195 21.00 33.93 20.20
N LEU E 196 20.87 35.06 20.88
CA LEU E 196 19.76 36.03 20.71
C LEU E 196 20.37 37.35 20.26
N ARG E 197 20.03 37.82 19.07
CA ARG E 197 20.54 39.11 18.55
C ARG E 197 19.40 40.13 18.62
N VAL E 198 19.68 41.28 19.22
CA VAL E 198 18.72 42.41 19.36
C VAL E 198 19.45 43.68 18.94
N SER E 199 18.71 44.74 18.63
CA SER E 199 19.29 46.06 18.32
C SER E 199 20.14 46.51 19.53
N ALA E 200 21.25 47.20 19.27
CA ALA E 200 22.16 47.78 20.29
C ALA E 200 21.34 48.48 21.38
N THR E 201 20.34 49.27 20.98
CA THR E 201 19.59 50.20 21.87
C THR E 201 18.80 49.37 22.90
N PHE E 202 18.18 48.29 22.44
CA PHE E 202 17.39 47.35 23.25
C PHE E 202 18.29 46.69 24.30
N TRP E 203 19.50 46.25 23.93
CA TRP E 203 20.47 45.66 24.90
C TRP E 203 20.97 46.75 25.88
N GLN E 204 21.06 47.99 25.42
CA GLN E 204 21.64 49.07 26.25
C GLN E 204 20.62 49.56 27.26
N ASP E 205 19.34 49.23 27.09
CA ASP E 205 18.23 49.69 27.97
C ASP E 205 18.14 48.78 29.19
N PRO E 206 18.35 49.27 30.44
CA PRO E 206 18.32 48.40 31.61
C PRO E 206 16.92 48.08 32.15
N ARG E 207 15.86 48.47 31.45
CA ARG E 207 14.49 47.98 31.72
C ARG E 207 14.29 46.59 31.09
N ASN E 208 15.24 46.07 30.31
CA ASN E 208 15.10 44.79 29.55
C ASN E 208 15.86 43.63 30.21
N HIS E 209 15.15 42.53 30.48
CA HIS E 209 15.64 41.32 31.21
C HIS E 209 15.70 40.15 30.22
N PHE E 210 16.88 39.57 30.09
CA PHE E 210 17.13 38.37 29.26
C PHE E 210 17.29 37.14 30.15
N ARG E 211 16.53 36.09 29.86
CA ARG E 211 16.76 34.79 30.51
C ARG E 211 16.97 33.76 29.41
N CYS E 212 18.04 33.01 29.53
CA CYS E 212 18.26 31.71 28.86
C CYS E 212 17.67 30.62 29.72
N GLN E 213 16.90 29.74 29.11
CA GLN E 213 16.20 28.67 29.86
C GLN E 213 16.49 27.31 29.23
N VAL E 214 16.87 26.32 30.04
CA VAL E 214 17.08 24.94 29.56
C VAL E 214 16.23 23.98 30.40
N GLN E 215 15.28 23.33 29.72
CA GLN E 215 14.56 22.11 30.17
C GLN E 215 15.47 20.89 29.93
N PHE E 216 15.77 20.18 31.01
CA PHE E 216 16.62 18.96 31.01
C PHE E 216 15.69 17.80 31.36
N TYR E 217 15.74 16.70 30.62
CA TYR E 217 14.99 15.48 30.95
C TYR E 217 15.97 14.39 31.42
N GLY E 218 16.04 14.24 32.74
CA GLY E 218 16.85 13.24 33.47
C GLY E 218 15.98 12.19 34.17
N LEU E 219 16.30 11.89 35.42
CA LEU E 219 15.72 10.72 36.12
C LEU E 219 14.33 11.13 36.60
N SER E 220 13.40 10.17 36.56
CA SER E 220 12.05 10.22 37.21
C SER E 220 12.25 10.03 38.72
N GLU E 221 11.20 10.00 39.53
CA GLU E 221 11.35 9.94 41.01
C GLU E 221 11.78 8.52 41.37
N ASN E 222 11.34 7.56 40.56
CA ASN E 222 11.33 6.07 40.79
C ASN E 222 12.73 5.45 40.65
N ASP E 223 13.68 6.13 39.99
CA ASP E 223 15.13 5.75 40.02
C ASP E 223 15.63 5.97 41.46
N GLU E 224 16.55 5.11 41.93
CA GLU E 224 17.24 5.26 43.25
C GLU E 224 18.31 6.35 43.12
N TRP E 225 18.79 6.91 44.21
CA TRP E 225 19.92 7.87 44.09
C TRP E 225 20.86 7.69 45.29
N THR E 226 21.50 6.53 45.38
CA THR E 226 22.42 6.23 46.50
C THR E 226 23.48 7.31 46.59
N GLN E 227 23.63 8.13 45.54
CA GLN E 227 24.75 9.10 45.51
C GLN E 227 24.52 10.25 46.50
N ASP E 228 25.35 11.29 46.42
CA ASP E 228 25.27 12.40 47.39
C ASP E 228 24.76 13.67 46.70
N ARG E 229 25.40 14.06 45.59
CA ARG E 229 24.97 15.25 44.82
C ARG E 229 23.52 15.17 44.39
N ALA E 230 22.89 16.33 44.15
CA ALA E 230 21.43 16.38 43.90
C ALA E 230 21.04 15.36 42.84
N LYS E 231 20.00 14.57 43.11
CA LYS E 231 19.50 13.61 42.09
C LYS E 231 19.24 14.38 40.81
N PRO E 232 19.88 14.03 39.67
CA PRO E 232 19.59 14.69 38.40
C PRO E 232 18.20 14.38 37.83
N VAL E 233 17.14 14.93 38.43
CA VAL E 233 15.75 14.76 37.89
C VAL E 233 15.53 15.71 36.70
N THR E 234 14.46 15.45 35.95
CA THR E 234 13.87 16.42 35.00
C THR E 234 13.79 17.80 35.71
N GLN E 235 14.33 18.85 35.09
CA GLN E 235 14.41 20.18 35.75
C GLN E 235 14.74 21.29 34.72
N ILE E 236 14.52 22.55 35.14
CA ILE E 236 14.87 23.77 34.36
C ILE E 236 16.04 24.48 35.03
N VAL E 237 17.07 24.82 34.28
CA VAL E 237 18.21 25.63 34.77
C VAL E 237 18.31 26.81 33.84
N SER E 238 18.46 28.02 34.41
CA SER E 238 18.38 29.32 33.70
C SER E 238 19.59 30.17 34.12
N ALA E 239 19.99 31.07 33.25
CA ALA E 239 20.93 32.18 33.53
C ALA E 239 20.23 33.45 33.03
N GLU E 240 20.52 34.62 33.59
CA GLU E 240 19.85 35.87 33.17
C GLU E 240 20.83 37.02 33.17
N ALA E 241 20.70 37.93 32.21
CA ALA E 241 21.32 39.28 32.23
C ALA E 241 20.24 40.36 32.08
N TRP E 242 20.41 41.44 32.82
CA TRP E 242 19.78 42.75 32.56
C TRP E 242 20.52 43.49 31.45
N GLY E 243 19.82 44.34 30.70
CA GLY E 243 20.42 45.38 29.83
C GLY E 243 21.34 46.31 30.60
N ARG E 244 22.17 47.06 29.88
CA ARG E 244 23.39 47.69 30.43
C ARG E 244 23.79 48.84 29.50
N ALA E 245 23.90 50.06 30.03
CA ALA E 245 24.40 51.25 29.32
C ALA E 245 25.80 51.63 29.83
N ASP E 246 26.75 50.70 29.83
CA ASP E 246 28.02 50.83 30.59
C ASP E 246 29.12 51.41 29.68
#